data_5V7G
#
_entry.id   5V7G
#
_cell.length_a   178.209
_cell.length_b   178.209
_cell.length_c   133.799
_cell.angle_alpha   90.000
_cell.angle_beta   90.000
_cell.angle_gamma   120.000
#
_symmetry.space_group_name_H-M   'H 3'
#
loop_
_entity.id
_entity.type
_entity.pdbx_description
1 polymer 'NADPH-dependent glyoxylate/hydroxypyruvate reductase'
2 non-polymer 'OXALATE ION'
3 non-polymer 'NADPH DIHYDRO-NICOTINAMIDE-ADENINE-DINUCLEOTIDE PHOSPHATE'
4 non-polymer GLYCEROL
5 non-polymer 'CHLORIDE ION'
6 non-polymer 'SODIUM ION'
7 water water
#
_entity_poly.entity_id   1
_entity_poly.type   'polypeptide(L)'
_entity_poly.pdbx_seq_one_letter_code
;SMSRPRILVPGKINPRVLERLPEMFETVRIERADAALVTADMRDVSGIAVSGKLPVPLMDAFPSLEIVANFGVGYDGVDV
SRAAARGIVVTNTPDVLTEEVADTAIGLLLNTLRLLPQAEQWLRQGRWVREGAFPLSPLSLRGRTVGLFGLGRIGLAIAR
RLEAFGVSIAYHTRTPREGLGFTYHPTLVGMAEAVDTLIVIVPGTASTLKAVNADVLSALGPKGVLINVGRGSTVDEAAL
VTALQNGTIAGAGLDVFENEPNVPEALLSFPNVSLLPHVASASVVTRNAMSDLVVDNLKAWFSTGEALTPVAETPFRRRA
IQN
;
_entity_poly.pdbx_strand_id   A,B,C,D
#
# COMPACT_ATOMS: atom_id res chain seq x y z
N ARG A 4 2.13 21.62 38.86
CA ARG A 4 3.03 21.02 37.84
C ARG A 4 4.15 20.22 38.47
N PRO A 5 4.26 18.91 38.14
CA PRO A 5 5.34 18.14 38.73
C PRO A 5 6.72 18.65 38.37
N ARG A 6 7.64 18.49 39.31
CA ARG A 6 9.01 18.95 39.16
C ARG A 6 9.91 17.79 38.75
N ILE A 7 10.61 17.97 37.64
CA ILE A 7 11.48 16.95 37.08
C ILE A 7 12.94 17.40 37.18
N LEU A 8 13.74 16.57 37.83
CA LEU A 8 15.19 16.78 37.95
C LEU A 8 15.89 16.25 36.70
N VAL A 9 16.76 17.09 36.12
CA VAL A 9 17.69 16.65 35.08
C VAL A 9 19.12 16.85 35.59
N PRO A 10 19.78 15.76 35.96
CA PRO A 10 21.17 15.88 36.42
C PRO A 10 22.17 15.76 35.28
N GLY A 11 23.07 16.73 35.16
CA GLY A 11 24.13 16.66 34.15
C GLY A 11 23.62 16.89 32.74
N LYS A 12 24.41 16.41 31.77
CA LYS A 12 24.10 16.67 30.37
C LYS A 12 22.95 15.81 29.87
N ILE A 13 22.10 16.42 29.07
CA ILE A 13 21.09 15.69 28.32
C ILE A 13 20.83 16.41 27.01
N ASN A 14 20.28 15.69 26.04
CA ASN A 14 19.93 16.29 24.75
C ASN A 14 19.01 17.48 24.98
N PRO A 15 19.31 18.64 24.36
CA PRO A 15 18.45 19.80 24.62
C PRO A 15 16.97 19.62 24.31
N ARG A 16 16.62 18.71 23.38
CA ARG A 16 15.23 18.43 23.07
C ARG A 16 14.42 17.99 24.29
N VAL A 17 15.06 17.28 25.21
CA VAL A 17 14.40 16.87 26.46
C VAL A 17 14.03 18.14 27.23
N LEU A 18 15.01 19.03 27.38
CA LEU A 18 14.80 20.28 28.13
C LEU A 18 13.75 21.18 27.47
N GLU A 19 13.75 21.20 26.14
CA GLU A 19 12.80 21.99 25.36
C GLU A 19 11.35 21.56 25.55
N ARG A 20 11.13 20.25 25.77
CA ARG A 20 9.78 19.69 25.82
C ARG A 20 9.22 19.47 27.22
N LEU A 21 10.08 19.32 28.23
CA LEU A 21 9.61 19.22 29.63
C LEU A 21 8.61 20.30 30.06
N PRO A 22 8.81 21.56 29.66
CA PRO A 22 7.82 22.62 30.03
C PRO A 22 6.39 22.46 29.50
N GLU A 23 6.13 21.50 28.60
CA GLU A 23 4.76 21.19 28.16
C GLU A 23 3.86 20.81 29.34
N MET A 24 4.45 20.22 30.37
CA MET A 24 3.70 19.79 31.58
C MET A 24 4.41 19.98 32.92
N PHE A 25 5.73 20.24 32.90
CA PHE A 25 6.58 20.12 34.07
C PHE A 25 7.36 21.39 34.40
N GLU A 26 7.75 21.51 35.65
CA GLU A 26 8.78 22.45 36.04
C GLU A 26 10.09 21.69 36.03
N THR A 27 11.14 22.26 35.45
CA THR A 27 12.43 21.56 35.38
C THR A 27 13.38 22.07 36.46
N VAL A 28 14.10 21.14 37.08
CA VAL A 28 15.12 21.43 38.06
C VAL A 28 16.44 20.85 37.57
N ARG A 29 17.45 21.69 37.37
CA ARG A 29 18.75 21.25 36.85
C ARG A 29 19.81 21.19 37.93
N ILE A 30 20.62 20.13 37.93
CA ILE A 30 21.90 20.12 38.65
C ILE A 30 23.03 19.76 37.69
N GLU A 31 24.23 20.26 37.99
CA GLU A 31 25.35 20.22 37.06
C GLU A 31 25.95 18.81 36.85
N ARG A 32 25.87 17.97 37.88
CA ARG A 32 26.36 16.59 37.82
C ARG A 32 25.38 15.71 38.56
N ALA A 33 25.45 14.41 38.29
CA ALA A 33 24.61 13.42 38.98
C ALA A 33 25.28 13.12 40.33
N ASP A 34 25.06 14.03 41.27
CA ASP A 34 25.79 14.04 42.54
C ASP A 34 24.85 14.53 43.65
N ALA A 35 24.64 13.69 44.66
CA ALA A 35 23.71 13.97 45.75
C ALA A 35 24.08 15.24 46.53
N ALA A 36 25.38 15.56 46.55
CA ALA A 36 25.89 16.79 47.17
C ALA A 36 25.29 18.09 46.62
N LEU A 37 24.85 18.06 45.36
CA LEU A 37 24.23 19.23 44.71
C LEU A 37 22.73 19.40 44.98
N VAL A 38 22.13 18.46 45.73
CA VAL A 38 20.71 18.55 46.03
C VAL A 38 20.51 19.48 47.21
N THR A 39 19.68 20.50 47.01
CA THR A 39 19.31 21.46 48.06
C THR A 39 17.93 21.12 48.62
N ALA A 40 17.64 21.63 49.82
CA ALA A 40 16.37 21.38 50.49
C ALA A 40 15.14 21.75 49.65
N ASP A 41 15.26 22.83 48.87
CA ASP A 41 14.16 23.25 47.99
C ASP A 41 13.81 22.26 46.87
N MET A 42 14.70 21.31 46.60
CA MET A 42 14.48 20.27 45.58
C MET A 42 13.79 18.99 46.08
N ARG A 43 13.50 18.91 47.37
CA ARG A 43 12.94 17.68 47.96
C ARG A 43 11.50 17.32 47.54
N ASP A 44 10.81 18.23 46.86
CA ASP A 44 9.49 17.95 46.25
C ASP A 44 9.53 17.39 44.80
N VAL A 45 10.73 17.12 44.30
CA VAL A 45 10.89 16.56 42.94
C VAL A 45 10.16 15.21 42.83
N SER A 46 9.41 15.03 41.74
CA SER A 46 8.60 13.82 41.52
C SER A 46 9.12 12.91 40.40
N GLY A 47 10.05 13.38 39.59
CA GLY A 47 10.58 12.57 38.49
C GLY A 47 12.01 12.98 38.17
N ILE A 48 12.70 12.07 37.49
CA ILE A 48 14.06 12.32 36.99
C ILE A 48 14.09 11.94 35.51
N ALA A 49 14.69 12.80 34.69
CA ALA A 49 15.11 12.44 33.33
C ALA A 49 16.62 12.45 33.33
N VAL A 50 17.22 11.32 32.94
CA VAL A 50 18.68 11.12 33.05
C VAL A 50 19.29 10.41 31.86
N SER A 51 20.44 10.92 31.42
CA SER A 51 21.30 10.22 30.50
C SER A 51 22.60 9.89 31.22
N GLY A 52 22.89 8.60 31.34
CA GLY A 52 24.09 8.14 32.03
C GLY A 52 23.74 7.60 33.40
N LYS A 53 24.73 7.55 34.28
CA LYS A 53 24.57 6.93 35.60
C LYS A 53 23.69 7.76 36.53
N LEU A 54 22.87 7.07 37.31
CA LEU A 54 22.10 7.69 38.40
C LEU A 54 22.52 6.99 39.69
N PRO A 55 23.47 7.58 40.43
CA PRO A 55 23.89 6.95 41.68
C PRO A 55 22.74 6.84 42.68
N VAL A 56 22.72 5.75 43.43
CA VAL A 56 21.68 5.50 44.45
C VAL A 56 21.53 6.63 45.48
N PRO A 57 22.65 7.22 45.97
CA PRO A 57 22.49 8.33 46.91
C PRO A 57 21.75 9.54 46.33
N LEU A 58 21.91 9.79 45.03
CA LEU A 58 21.15 10.84 44.36
C LEU A 58 19.68 10.45 44.24
N MET A 59 19.42 9.22 43.81
CA MET A 59 18.06 8.73 43.68
C MET A 59 17.34 8.77 45.04
N ASP A 60 18.04 8.38 46.09
CA ASP A 60 17.47 8.35 47.45
C ASP A 60 17.43 9.70 48.19
N ALA A 61 17.93 10.76 47.57
CA ALA A 61 17.77 12.13 48.07
C ALA A 61 16.36 12.70 47.87
N PHE A 62 15.51 12.01 47.11
CA PHE A 62 14.18 12.49 46.71
C PHE A 62 13.09 11.57 47.26
N PRO A 63 12.51 11.94 48.42
CA PRO A 63 11.49 11.07 49.01
C PRO A 63 10.18 10.95 48.21
N SER A 64 9.86 11.93 47.38
CA SER A 64 8.64 11.92 46.53
C SER A 64 8.86 11.41 45.09
N LEU A 65 10.01 10.81 44.83
CA LEU A 65 10.35 10.36 43.48
C LEU A 65 9.40 9.24 43.07
N GLU A 66 8.80 9.37 41.89
CA GLU A 66 7.89 8.36 41.34
C GLU A 66 8.41 7.61 40.12
N ILE A 67 9.28 8.25 39.34
CA ILE A 67 9.66 7.78 38.01
C ILE A 67 11.07 8.26 37.66
N VAL A 68 11.87 7.33 37.13
CA VAL A 68 13.14 7.66 36.47
C VAL A 68 12.97 7.31 34.99
N ALA A 69 13.08 8.34 34.15
CA ALA A 69 12.99 8.18 32.70
C ALA A 69 14.41 8.21 32.15
N ASN A 70 14.90 7.03 31.82
CA ASN A 70 16.26 6.84 31.29
C ASN A 70 16.33 7.13 29.77
N PHE A 71 17.31 7.94 29.40
CA PHE A 71 17.63 8.23 28.00
C PHE A 71 18.59 7.14 27.51
N GLY A 72 18.07 6.24 26.67
CA GLY A 72 18.80 5.04 26.27
C GLY A 72 18.01 3.78 26.51
N VAL A 73 18.26 2.76 25.68
CA VAL A 73 17.59 1.46 25.87
C VAL A 73 18.27 0.65 26.99
N GLY A 74 19.59 0.72 27.08
CA GLY A 74 20.31 0.19 28.24
C GLY A 74 20.05 1.06 29.46
N TYR A 75 19.80 0.44 30.60
CA TYR A 75 19.51 1.19 31.83
C TYR A 75 20.31 0.68 33.03
N ASP A 76 21.48 0.10 32.75
CA ASP A 76 22.38 -0.42 33.78
C ASP A 76 22.95 0.66 34.72
N GLY A 77 22.92 1.94 34.29
CA GLY A 77 23.28 3.07 35.14
C GLY A 77 22.27 3.43 36.22
N VAL A 78 21.09 2.80 36.16
CA VAL A 78 20.07 2.94 37.17
C VAL A 78 20.03 1.64 37.99
N ASP A 79 20.01 1.78 39.32
CA ASP A 79 19.87 0.61 40.21
C ASP A 79 18.38 0.24 40.26
N VAL A 80 17.97 -0.60 39.31
CA VAL A 80 16.55 -0.93 39.14
C VAL A 80 16.01 -1.76 40.31
N SER A 81 16.89 -2.51 40.97
CA SER A 81 16.50 -3.28 42.15
C SER A 81 16.10 -2.34 43.29
N ARG A 82 16.89 -1.31 43.51
CA ARG A 82 16.56 -0.28 44.51
C ARG A 82 15.32 0.53 44.12
N ALA A 83 15.19 0.88 42.84
CA ALA A 83 14.01 1.58 42.34
C ALA A 83 12.77 0.73 42.59
N ALA A 84 12.84 -0.54 42.22
CA ALA A 84 11.70 -1.47 42.44
C ALA A 84 11.33 -1.56 43.91
N ALA A 85 12.33 -1.68 44.80
CA ALA A 85 12.11 -1.75 46.24
C ALA A 85 11.43 -0.51 46.82
N ARG A 86 11.67 0.63 46.19
CA ARG A 86 11.02 1.91 46.54
C ARG A 86 9.70 2.18 45.78
N GLY A 87 9.28 1.25 44.91
CA GLY A 87 8.09 1.44 44.07
C GLY A 87 8.19 2.53 43.01
N ILE A 88 9.41 2.79 42.57
CA ILE A 88 9.72 3.80 41.56
C ILE A 88 9.77 3.10 40.19
N VAL A 89 8.98 3.59 39.25
CA VAL A 89 8.99 3.05 37.90
C VAL A 89 10.21 3.59 37.16
N VAL A 90 10.78 2.74 36.31
CA VAL A 90 11.91 3.10 35.48
C VAL A 90 11.48 2.87 34.04
N THR A 91 11.71 3.86 33.18
CA THR A 91 11.43 3.77 31.74
C THR A 91 12.73 3.91 30.94
N ASN A 92 12.75 3.29 29.78
CA ASN A 92 13.89 3.37 28.87
C ASN A 92 13.41 3.78 27.49
N THR A 93 14.31 3.75 26.50
CA THR A 93 13.96 4.17 25.14
C THR A 93 14.25 3.04 24.15
N PRO A 94 13.49 1.93 24.22
CA PRO A 94 13.63 0.88 23.21
C PRO A 94 12.99 1.27 21.89
N ASP A 95 13.30 0.49 20.84
CA ASP A 95 12.64 0.53 19.53
C ASP A 95 12.99 1.70 18.61
N VAL A 96 12.92 2.92 19.15
CA VAL A 96 13.18 4.14 18.37
C VAL A 96 14.62 4.29 17.88
N LEU A 97 15.54 3.51 18.45
CA LEU A 97 16.95 3.51 18.10
C LEU A 97 17.40 2.18 17.46
N THR A 98 16.49 1.21 17.31
CA THR A 98 16.90 -0.16 16.94
C THR A 98 17.61 -0.20 15.59
N GLU A 99 16.97 0.39 14.59
CA GLU A 99 17.50 0.38 13.23
C GLU A 99 18.79 1.22 13.12
N GLU A 100 18.86 2.33 13.84
CA GLU A 100 20.05 3.19 13.86
C GLU A 100 21.26 2.44 14.41
N VAL A 101 21.07 1.75 15.53
CA VAL A 101 22.16 1.02 16.17
C VAL A 101 22.60 -0.14 15.29
N ALA A 102 21.65 -0.83 14.67
CA ALA A 102 21.97 -1.93 13.77
C ALA A 102 22.81 -1.44 12.58
N ASP A 103 22.48 -0.25 12.07
CA ASP A 103 23.25 0.42 10.99
C ASP A 103 24.70 0.63 11.41
N THR A 104 24.88 1.22 12.60
CA THR A 104 26.19 1.51 13.11
C THR A 104 27.02 0.24 13.29
N ALA A 105 26.38 -0.82 13.78
CA ALA A 105 27.06 -2.10 13.97
C ALA A 105 27.65 -2.64 12.67
N ILE A 106 26.86 -2.55 11.60
CA ILE A 106 27.33 -2.97 10.30
C ILE A 106 28.48 -2.07 9.81
N GLY A 107 28.34 -0.76 9.96
CA GLY A 107 29.42 0.17 9.60
C GLY A 107 30.71 -0.14 10.34
N LEU A 108 30.60 -0.37 11.64
CA LEU A 108 31.74 -0.71 12.48
C LEU A 108 32.40 -2.02 12.02
N LEU A 109 31.58 -3.03 11.73
CA LEU A 109 32.07 -4.29 11.23
C LEU A 109 32.87 -4.08 9.93
N LEU A 110 32.28 -3.36 8.98
CA LEU A 110 32.95 -3.12 7.69
C LEU A 110 34.24 -2.30 7.85
N ASN A 111 34.24 -1.29 8.73
CA ASN A 111 35.42 -0.48 9.01
C ASN A 111 36.53 -1.31 9.64
N THR A 112 36.15 -2.24 10.51
CA THR A 112 37.09 -3.16 11.17
C THR A 112 37.76 -4.11 10.16
N LEU A 113 36.94 -4.65 9.26
CA LEU A 113 37.42 -5.65 8.29
C LEU A 113 38.21 -5.04 7.14
N ARG A 114 37.71 -3.93 6.61
CA ARG A 114 38.26 -3.34 5.38
C ARG A 114 39.14 -2.10 5.63
N LEU A 115 39.27 -1.67 6.89
CA LEU A 115 40.17 -0.57 7.26
C LEU A 115 39.84 0.76 6.56
N LEU A 116 38.55 0.99 6.33
CA LEU A 116 38.10 2.16 5.57
C LEU A 116 38.52 3.48 6.22
N PRO A 117 38.41 3.60 7.56
CA PRO A 117 38.91 4.84 8.16
C PRO A 117 40.41 5.10 7.92
N GLN A 118 41.21 4.04 7.96
CA GLN A 118 42.64 4.14 7.71
C GLN A 118 42.92 4.47 6.24
N ALA A 119 42.12 3.90 5.33
CA ALA A 119 42.27 4.20 3.91
C ALA A 119 41.97 5.69 3.63
N GLU A 120 40.94 6.22 4.27
CA GLU A 120 40.62 7.64 4.16
C GLU A 120 41.76 8.54 4.70
N GLN A 121 42.32 8.16 5.85
CA GLN A 121 43.51 8.84 6.38
C GLN A 121 44.69 8.83 5.41
N TRP A 122 44.96 7.68 4.78
CA TRP A 122 46.01 7.56 3.78
C TRP A 122 45.83 8.61 2.68
N LEU A 123 44.62 8.69 2.12
CA LEU A 123 44.29 9.71 1.12
C LEU A 123 44.43 11.15 1.67
N ARG A 124 43.81 11.42 2.80
CA ARG A 124 43.80 12.79 3.35
C ARG A 124 45.21 13.29 3.75
N GLN A 125 46.09 12.36 4.08
CA GLN A 125 47.48 12.71 4.43
C GLN A 125 48.41 12.87 3.22
N GLY A 126 47.88 12.67 2.00
CA GLY A 126 48.64 12.85 0.77
C GLY A 126 49.39 11.61 0.28
N ARG A 127 49.19 10.48 0.95
CA ARG A 127 49.98 9.28 0.71
C ARG A 127 49.68 8.55 -0.61
N TRP A 128 48.46 8.72 -1.13
CA TRP A 128 48.06 8.15 -2.40
C TRP A 128 48.98 8.64 -3.54
N VAL A 129 49.34 9.91 -3.49
CA VAL A 129 50.19 10.53 -4.50
C VAL A 129 51.61 9.94 -4.55
N ARG A 130 52.31 9.97 -3.43
CA ARG A 130 53.74 9.54 -3.49
C ARG A 130 53.93 8.06 -3.17
N GLU A 131 53.14 7.54 -2.24
CA GLU A 131 53.34 6.11 -1.83
C GLU A 131 52.51 5.10 -2.61
N GLY A 132 51.50 5.58 -3.35
CA GLY A 132 50.68 4.72 -4.18
C GLY A 132 49.49 4.21 -3.41
N ALA A 133 49.02 3.03 -3.80
CA ALA A 133 47.78 2.50 -3.25
C ALA A 133 47.90 2.20 -1.77
N PHE A 134 46.78 2.39 -1.06
CA PHE A 134 46.65 1.92 0.31
C PHE A 134 46.85 0.40 0.31
N PRO A 135 47.58 -0.15 1.31
CA PRO A 135 47.80 -1.59 1.33
C PRO A 135 46.47 -2.36 1.34
N LEU A 136 46.49 -3.56 0.78
CA LEU A 136 45.27 -4.37 0.73
C LEU A 136 44.89 -4.77 2.14
N SER A 137 43.58 -4.77 2.43
CA SER A 137 43.12 -5.22 3.76
C SER A 137 43.33 -6.73 3.92
N PRO A 138 44.00 -7.16 5.02
CA PRO A 138 44.17 -8.62 5.23
C PRO A 138 42.86 -9.37 5.43
N LEU A 139 41.84 -8.66 5.94
CA LEU A 139 40.54 -9.24 6.21
C LEU A 139 39.47 -8.78 5.20
N SER A 140 38.35 -9.47 5.24
CA SER A 140 37.17 -9.21 4.41
C SER A 140 35.94 -9.81 5.09
N LEU A 141 34.77 -9.32 4.74
CA LEU A 141 33.52 -10.00 5.16
C LEU A 141 33.27 -11.30 4.38
N ARG A 142 33.83 -11.38 3.18
CA ARG A 142 33.61 -12.53 2.29
C ARG A 142 34.01 -13.84 2.97
N GLY A 143 33.08 -14.78 3.00
CA GLY A 143 33.31 -16.10 3.55
C GLY A 143 33.19 -16.23 5.06
N ARG A 144 32.85 -15.15 5.75
CA ARG A 144 32.80 -15.17 7.22
C ARG A 144 31.53 -15.81 7.74
N THR A 145 31.59 -16.20 9.00
CA THR A 145 30.49 -16.79 9.73
C THR A 145 30.33 -15.98 10.98
N VAL A 146 29.13 -15.46 11.17
CA VAL A 146 28.88 -14.46 12.19
C VAL A 146 28.07 -15.09 13.32
N GLY A 147 28.50 -14.84 14.56
CA GLY A 147 27.76 -15.25 15.74
C GLY A 147 27.29 -14.02 16.48
N LEU A 148 25.98 -13.90 16.69
CA LEU A 148 25.40 -12.80 17.49
C LEU A 148 25.21 -13.24 18.92
N PHE A 149 25.95 -12.62 19.84
CA PHE A 149 25.71 -12.73 21.28
C PHE A 149 24.65 -11.70 21.65
N GLY A 150 23.42 -12.19 21.83
CA GLY A 150 22.21 -11.36 21.91
C GLY A 150 21.49 -11.38 20.58
N LEU A 151 20.19 -11.62 20.64
CA LEU A 151 19.34 -11.60 19.43
C LEU A 151 17.98 -11.01 19.79
N GLY A 152 18.04 -9.85 20.43
CA GLY A 152 16.88 -9.10 20.86
C GLY A 152 16.42 -8.14 19.79
N ARG A 153 15.90 -6.99 20.22
CA ARG A 153 15.43 -5.99 19.26
C ARG A 153 16.56 -5.63 18.28
N ILE A 154 17.71 -5.30 18.86
CA ILE A 154 18.85 -4.82 18.06
C ILE A 154 19.60 -6.00 17.40
N GLY A 155 19.86 -7.08 18.14
CA GLY A 155 20.53 -8.25 17.55
C GLY A 155 19.81 -8.81 16.33
N LEU A 156 18.47 -8.93 16.41
CA LEU A 156 17.70 -9.41 15.26
C LEU A 156 17.83 -8.45 14.06
N ALA A 157 17.79 -7.14 14.31
CA ALA A 157 17.97 -6.13 13.25
C ALA A 157 19.33 -6.24 12.56
N ILE A 158 20.37 -6.50 13.36
CA ILE A 158 21.72 -6.76 12.84
C ILE A 158 21.72 -8.03 11.96
N ALA A 159 21.14 -9.11 12.50
CA ALA A 159 21.04 -10.36 11.73
C ALA A 159 20.32 -10.19 10.39
N ARG A 160 19.22 -9.42 10.36
CA ARG A 160 18.48 -9.18 9.12
C ARG A 160 19.36 -8.50 8.07
N ARG A 161 20.14 -7.53 8.52
CA ARG A 161 21.12 -6.89 7.63
C ARG A 161 22.12 -7.89 7.09
N LEU A 162 22.72 -8.66 7.99
CA LEU A 162 23.77 -9.62 7.62
C LEU A 162 23.29 -10.73 6.69
N GLU A 163 22.00 -11.11 6.78
CA GLU A 163 21.41 -12.06 5.81
C GLU A 163 21.62 -11.62 4.35
N ALA A 164 21.56 -10.31 4.10
CA ALA A 164 21.73 -9.76 2.75
C ALA A 164 23.18 -9.68 2.27
N PHE A 165 24.15 -9.89 3.17
CA PHE A 165 25.58 -9.88 2.84
C PHE A 165 26.16 -11.26 2.51
N GLY A 166 25.31 -12.30 2.50
CA GLY A 166 25.74 -13.64 2.13
C GLY A 166 26.71 -14.33 3.07
N VAL A 167 26.56 -14.07 4.37
CA VAL A 167 27.34 -14.75 5.41
C VAL A 167 26.42 -15.65 6.24
N SER A 168 26.97 -16.73 6.77
CA SER A 168 26.24 -17.58 7.71
C SER A 168 26.00 -16.83 9.03
N ILE A 169 24.84 -17.08 9.64
CA ILE A 169 24.46 -16.44 10.90
C ILE A 169 24.07 -17.45 11.99
N ALA A 170 24.70 -17.30 13.16
CA ALA A 170 24.35 -18.07 14.36
C ALA A 170 24.13 -17.12 15.52
N TYR A 171 23.56 -17.63 16.62
CA TYR A 171 23.29 -16.74 17.76
C TYR A 171 23.32 -17.49 19.06
N HIS A 172 23.59 -16.75 20.13
CA HIS A 172 23.56 -17.26 21.50
C HIS A 172 22.77 -16.32 22.39
N THR A 173 21.75 -16.91 23.04
CA THR A 173 20.88 -16.23 24.00
C THR A 173 20.58 -17.28 25.07
N ARG A 174 20.03 -16.88 26.21
CA ARG A 174 19.66 -17.87 27.24
C ARG A 174 18.50 -18.76 26.82
N THR A 175 17.57 -18.20 26.06
CA THR A 175 16.40 -18.92 25.51
C THR A 175 16.39 -18.76 23.99
N PRO A 176 16.29 -19.88 23.23
CA PRO A 176 16.17 -19.78 21.76
C PRO A 176 14.95 -18.99 21.31
N ARG A 177 15.09 -18.32 20.17
CA ARG A 177 13.99 -17.68 19.45
C ARG A 177 13.70 -18.51 18.21
N GLU A 178 12.79 -19.47 18.35
CA GLU A 178 12.38 -20.34 17.24
C GLU A 178 11.46 -19.59 16.28
N GLY A 179 11.45 -20.03 15.02
CA GLY A 179 10.75 -19.34 13.94
C GLY A 179 11.70 -18.66 12.97
N LEU A 180 12.92 -18.39 13.45
CA LEU A 180 13.96 -17.76 12.64
C LEU A 180 14.79 -18.89 12.06
N GLY A 181 15.46 -18.62 10.94
CA GLY A 181 16.32 -19.61 10.30
C GLY A 181 17.78 -19.61 10.75
N PHE A 182 18.05 -19.10 11.96
CA PHE A 182 19.42 -18.97 12.45
C PHE A 182 19.76 -20.13 13.41
N THR A 183 21.01 -20.54 13.39
CA THR A 183 21.52 -21.61 14.26
C THR A 183 21.72 -21.14 15.70
N TYR A 184 21.01 -21.77 16.62
CA TYR A 184 21.17 -21.49 18.05
C TYR A 184 22.32 -22.28 18.66
N HIS A 185 23.07 -21.61 19.52
CA HIS A 185 24.10 -22.23 20.36
C HIS A 185 23.75 -22.01 21.82
N PRO A 186 23.66 -23.09 22.60
CA PRO A 186 23.31 -22.94 24.01
C PRO A 186 24.41 -22.37 24.90
N THR A 187 25.66 -22.31 24.43
CA THR A 187 26.76 -21.68 25.15
C THR A 187 27.47 -20.67 24.28
N LEU A 188 28.04 -19.67 24.93
CA LEU A 188 28.80 -18.62 24.24
C LEU A 188 30.08 -19.18 23.63
N VAL A 189 30.81 -19.97 24.42
CA VAL A 189 32.07 -20.55 23.96
C VAL A 189 31.88 -21.51 22.78
N GLY A 190 30.77 -22.25 22.78
CA GLY A 190 30.40 -23.13 21.67
C GLY A 190 30.15 -22.36 20.39
N MET A 191 29.43 -21.24 20.49
CA MET A 191 29.24 -20.38 19.33
C MET A 191 30.59 -19.82 18.84
N ALA A 192 31.42 -19.34 19.77
CA ALA A 192 32.71 -18.76 19.41
C ALA A 192 33.58 -19.77 18.65
N GLU A 193 33.60 -21.02 19.10
CA GLU A 193 34.29 -22.10 18.38
C GLU A 193 33.86 -22.17 16.91
N ALA A 194 32.54 -22.18 16.69
CA ALA A 194 31.91 -22.37 15.38
C ALA A 194 32.00 -21.19 14.42
N VAL A 195 32.20 -19.98 14.93
CA VAL A 195 32.17 -18.77 14.09
C VAL A 195 33.54 -18.11 14.06
N ASP A 196 33.72 -17.16 13.14
CA ASP A 196 34.96 -16.35 13.13
C ASP A 196 34.70 -14.86 13.34
N THR A 197 33.45 -14.48 13.58
CA THR A 197 33.07 -13.08 13.75
C THR A 197 32.02 -13.06 14.85
N LEU A 198 32.33 -12.37 15.96
CA LEU A 198 31.46 -12.33 17.13
C LEU A 198 30.94 -10.90 17.34
N ILE A 199 29.62 -10.71 17.27
CA ILE A 199 29.00 -9.40 17.48
C ILE A 199 28.28 -9.43 18.84
N VAL A 200 28.66 -8.52 19.72
CA VAL A 200 28.12 -8.41 21.08
C VAL A 200 27.03 -7.35 21.18
N ILE A 201 25.85 -7.77 21.59
CA ILE A 201 24.69 -6.88 21.66
C ILE A 201 23.71 -7.39 22.74
N VAL A 202 24.30 -7.63 23.92
CA VAL A 202 23.53 -7.98 25.12
C VAL A 202 23.56 -6.81 26.11
N PRO A 203 22.62 -6.79 27.07
CA PRO A 203 22.68 -5.74 28.09
C PRO A 203 23.85 -5.96 29.03
N GLY A 204 24.18 -4.91 29.78
CA GLY A 204 25.22 -4.95 30.80
C GLY A 204 24.64 -5.35 32.13
N THR A 205 24.65 -6.65 32.39
CA THR A 205 24.16 -7.19 33.66
C THR A 205 25.18 -8.08 34.35
N ALA A 206 24.90 -8.48 35.58
CA ALA A 206 25.76 -9.45 36.26
C ALA A 206 26.01 -10.73 35.45
N SER A 207 25.00 -11.20 34.71
CA SER A 207 25.14 -12.43 33.90
C SER A 207 26.01 -12.27 32.65
N THR A 208 26.17 -11.04 32.15
CA THR A 208 27.03 -10.78 31.00
C THR A 208 28.38 -10.19 31.36
N LEU A 209 28.63 -9.90 32.64
CA LEU A 209 29.91 -9.33 33.08
C LEU A 209 31.13 -10.18 32.68
N LYS A 210 31.99 -9.60 31.84
CA LYS A 210 33.18 -10.28 31.28
C LYS A 210 32.90 -11.65 30.68
N ALA A 211 31.72 -11.79 30.05
CA ALA A 211 31.35 -13.04 29.40
C ALA A 211 32.31 -13.31 28.23
N VAL A 212 32.68 -12.25 27.51
CA VAL A 212 33.69 -12.38 26.45
C VAL A 212 35.07 -12.27 27.11
N ASN A 213 35.58 -13.45 27.46
CA ASN A 213 36.79 -13.61 28.25
C ASN A 213 37.86 -14.31 27.41
N ALA A 214 39.01 -14.59 28.02
CA ALA A 214 40.10 -15.28 27.32
C ALA A 214 39.69 -16.59 26.63
N ASP A 215 38.86 -17.39 27.28
CA ASP A 215 38.39 -18.66 26.70
C ASP A 215 37.54 -18.44 25.43
N VAL A 216 36.65 -17.46 25.49
CA VAL A 216 35.79 -17.12 24.36
C VAL A 216 36.64 -16.59 23.21
N LEU A 217 37.62 -15.75 23.51
CA LEU A 217 38.48 -15.18 22.47
C LEU A 217 39.38 -16.24 21.83
N SER A 218 39.93 -17.15 22.65
CA SER A 218 40.70 -18.27 22.11
C SER A 218 39.85 -19.15 21.18
N ALA A 219 38.60 -19.40 21.56
CA ALA A 219 37.66 -20.21 20.75
C ALA A 219 37.28 -19.52 19.43
N LEU A 220 37.13 -18.20 19.50
CA LEU A 220 36.83 -17.39 18.32
C LEU A 220 37.88 -17.68 17.23
N GLY A 221 39.15 -17.62 17.64
CA GLY A 221 40.27 -18.12 16.85
C GLY A 221 41.05 -17.08 16.09
N PRO A 222 42.09 -17.52 15.35
CA PRO A 222 43.05 -16.60 14.70
C PRO A 222 42.54 -15.76 13.52
N LYS A 223 41.39 -16.11 12.95
CA LYS A 223 40.72 -15.23 11.97
C LYS A 223 39.65 -14.37 12.67
N GLY A 224 39.62 -14.42 14.00
CA GLY A 224 38.52 -13.93 14.78
C GLY A 224 38.42 -12.42 14.78
N VAL A 225 37.21 -11.92 14.58
CA VAL A 225 36.91 -10.49 14.74
C VAL A 225 35.80 -10.30 15.77
N LEU A 226 36.07 -9.44 16.76
CA LEU A 226 35.11 -9.07 17.81
C LEU A 226 34.54 -7.69 17.54
N ILE A 227 33.22 -7.57 17.51
CA ILE A 227 32.54 -6.28 17.40
C ILE A 227 31.70 -6.10 18.68
N ASN A 228 31.91 -5.01 19.41
CA ASN A 228 31.08 -4.75 20.60
C ASN A 228 30.33 -3.44 20.43
N VAL A 229 29.01 -3.56 20.34
CA VAL A 229 28.07 -2.42 20.33
C VAL A 229 27.07 -2.50 21.49
N GLY A 230 27.34 -3.35 22.46
CA GLY A 230 26.44 -3.55 23.60
C GLY A 230 26.88 -2.71 24.79
N ARG A 231 27.60 -3.36 25.71
CA ARG A 231 28.22 -2.72 26.85
C ARG A 231 29.66 -3.16 27.02
N GLY A 232 30.53 -2.19 27.36
CA GLY A 232 31.93 -2.46 27.65
C GLY A 232 32.18 -3.49 28.74
N SER A 233 31.33 -3.49 29.77
CA SER A 233 31.40 -4.48 30.86
C SER A 233 31.40 -5.95 30.40
N THR A 234 30.77 -6.24 29.26
CA THR A 234 30.61 -7.60 28.76
C THR A 234 31.92 -8.21 28.24
N VAL A 235 32.87 -7.38 27.86
CA VAL A 235 34.17 -7.81 27.36
C VAL A 235 35.22 -7.60 28.44
N ASP A 236 36.03 -8.64 28.66
CA ASP A 236 37.20 -8.55 29.51
C ASP A 236 38.26 -7.80 28.71
N GLU A 237 38.37 -6.51 28.99
CA GLU A 237 39.13 -5.59 28.16
C GLU A 237 40.63 -5.89 28.20
N ALA A 238 41.15 -6.24 29.37
CA ALA A 238 42.54 -6.70 29.49
C ALA A 238 42.81 -7.99 28.70
N ALA A 239 41.89 -8.94 28.74
CA ALA A 239 42.02 -10.17 27.95
C ALA A 239 41.99 -9.89 26.45
N LEU A 240 41.21 -8.90 26.04
CA LEU A 240 41.11 -8.52 24.62
C LEU A 240 42.44 -7.93 24.15
N VAL A 241 43.04 -7.05 24.96
CA VAL A 241 44.34 -6.46 24.62
C VAL A 241 45.39 -7.55 24.46
N THR A 242 45.40 -8.50 25.38
CA THR A 242 46.32 -9.63 25.30
C THR A 242 46.13 -10.46 24.03
N ALA A 243 44.88 -10.79 23.71
CA ALA A 243 44.54 -11.57 22.52
C ALA A 243 44.97 -10.86 21.24
N LEU A 244 44.73 -9.55 21.15
CA LEU A 244 45.19 -8.77 20.00
C LEU A 244 46.72 -8.71 19.90
N GLN A 245 47.40 -8.51 21.04
CA GLN A 245 48.85 -8.43 21.09
C GLN A 245 49.51 -9.71 20.58
N ASN A 246 48.98 -10.85 21.02
CA ASN A 246 49.52 -12.19 20.71
C ASN A 246 49.08 -12.77 19.36
N GLY A 247 48.15 -12.10 18.67
CA GLY A 247 47.58 -12.66 17.44
C GLY A 247 46.60 -13.80 17.67
N THR A 248 46.09 -13.92 18.89
CA THR A 248 45.03 -14.89 19.23
C THR A 248 43.78 -14.66 18.38
N ILE A 249 43.43 -13.39 18.18
CA ILE A 249 42.36 -12.96 17.27
C ILE A 249 42.92 -11.96 16.26
N ALA A 250 42.17 -11.73 15.18
CA ALA A 250 42.63 -10.95 14.04
C ALA A 250 42.25 -9.48 14.06
N GLY A 251 41.25 -9.09 14.84
CA GLY A 251 40.80 -7.69 14.82
C GLY A 251 39.64 -7.45 15.74
N ALA A 252 39.34 -6.17 15.99
CA ALA A 252 38.20 -5.81 16.81
C ALA A 252 37.70 -4.43 16.46
N GLY A 253 36.39 -4.25 16.62
CA GLY A 253 35.71 -2.96 16.47
C GLY A 253 34.86 -2.71 17.70
N LEU A 254 35.09 -1.60 18.39
CA LEU A 254 34.45 -1.34 19.69
C LEU A 254 33.81 0.04 19.73
N ASP A 255 32.53 0.09 20.09
CA ASP A 255 31.78 1.33 20.31
C ASP A 255 31.65 1.67 21.82
N VAL A 256 31.95 0.69 22.68
CA VAL A 256 31.74 0.77 24.12
C VAL A 256 32.92 0.15 24.85
N PHE A 257 33.13 0.58 26.10
CA PHE A 257 34.35 0.30 26.85
C PHE A 257 34.02 0.19 28.33
N GLU A 258 34.94 -0.42 29.07
CA GLU A 258 34.78 -0.65 30.53
C GLU A 258 34.63 0.63 31.33
N ASN A 259 35.40 1.67 30.98
CA ASN A 259 35.43 2.89 31.79
C ASN A 259 35.48 4.13 30.90
N GLU A 260 34.39 4.32 30.15
CA GLU A 260 34.26 5.44 29.21
C GLU A 260 34.37 6.77 29.97
N PRO A 261 35.03 7.79 29.40
CA PRO A 261 35.60 7.83 28.05
C PRO A 261 37.05 7.34 27.92
N ASN A 262 37.55 6.61 28.92
CA ASN A 262 38.94 6.17 28.94
C ASN A 262 39.03 4.87 28.14
N VAL A 263 39.97 4.87 27.20
CA VAL A 263 40.29 3.71 26.38
C VAL A 263 41.77 3.41 26.64
N PRO A 264 42.10 2.14 26.96
CA PRO A 264 43.51 1.80 27.24
C PRO A 264 44.42 2.16 26.08
N GLU A 265 45.58 2.75 26.40
CA GLU A 265 46.58 3.17 25.40
C GLU A 265 46.95 2.04 24.44
N ALA A 266 47.05 0.81 24.96
CA ALA A 266 47.39 -0.36 24.15
C ALA A 266 46.38 -0.57 23.03
N LEU A 267 45.09 -0.41 23.33
CA LEU A 267 44.05 -0.55 22.29
C LEU A 267 44.22 0.45 21.15
N LEU A 268 44.71 1.65 21.48
CA LEU A 268 44.96 2.67 20.46
C LEU A 268 46.11 2.37 19.49
N SER A 269 47.03 1.47 19.88
CA SER A 269 48.21 1.17 19.08
C SER A 269 48.03 0.15 17.94
N PHE A 270 46.96 -0.64 18.00
CA PHE A 270 46.76 -1.75 17.07
C PHE A 270 46.21 -1.29 15.72
N PRO A 271 46.89 -1.65 14.62
CA PRO A 271 46.38 -1.25 13.31
C PRO A 271 45.17 -2.06 12.81
N ASN A 272 44.76 -3.10 13.55
CA ASN A 272 43.64 -3.97 13.20
C ASN A 272 42.38 -3.74 14.08
N VAL A 273 42.30 -2.54 14.68
CA VAL A 273 41.22 -2.19 15.61
C VAL A 273 40.58 -0.88 15.19
N SER A 274 39.25 -0.86 15.14
CA SER A 274 38.46 0.35 14.94
C SER A 274 37.77 0.69 16.27
N LEU A 275 37.80 1.96 16.62
CA LEU A 275 37.30 2.48 17.90
C LEU A 275 36.34 3.65 17.70
N LEU A 276 35.19 3.61 18.37
CA LEU A 276 34.19 4.68 18.29
C LEU A 276 33.76 5.14 19.68
N PRO A 277 33.47 6.44 19.85
CA PRO A 277 33.10 6.99 21.16
C PRO A 277 31.60 6.83 21.49
N HIS A 278 31.12 5.58 21.55
CA HIS A 278 29.75 5.25 21.93
C HIS A 278 28.71 6.01 21.10
N VAL A 279 28.84 5.86 19.77
CA VAL A 279 28.03 6.63 18.82
C VAL A 279 26.92 5.83 18.15
N ALA A 280 26.64 4.58 18.57
CA ALA A 280 25.72 3.77 17.78
C ALA A 280 24.31 4.35 17.54
N SER A 281 23.78 5.15 18.46
CA SER A 281 22.49 5.82 18.24
C SER A 281 22.59 7.31 17.90
N ALA A 282 23.81 7.80 17.69
CA ALA A 282 24.13 9.24 17.75
C ALA A 282 23.92 10.04 16.47
N SER A 283 22.72 9.92 15.88
CA SER A 283 22.27 10.84 14.83
C SER A 283 21.25 11.81 15.43
N VAL A 284 21.10 12.94 14.77
CA VAL A 284 20.11 13.94 15.22
C VAL A 284 18.71 13.33 15.25
N VAL A 285 18.31 12.65 14.17
CA VAL A 285 16.95 12.10 14.08
C VAL A 285 16.66 11.07 15.19
N THR A 286 17.61 10.17 15.43
CA THR A 286 17.39 9.12 16.42
C THR A 286 17.45 9.67 17.85
N ARG A 287 18.38 10.60 18.13
CA ARG A 287 18.44 11.20 19.45
C ARG A 287 17.25 12.10 19.73
N ASN A 288 16.67 12.70 18.69
CA ASN A 288 15.42 13.48 18.82
C ASN A 288 14.29 12.52 19.22
N ALA A 289 14.24 11.35 18.58
CA ALA A 289 13.22 10.35 18.91
C ALA A 289 13.38 9.79 20.34
N MET A 290 14.62 9.55 20.76
CA MET A 290 14.92 9.14 22.13
C MET A 290 14.49 10.23 23.13
N SER A 291 14.80 11.49 22.82
CA SER A 291 14.37 12.61 23.66
C SER A 291 12.85 12.67 23.80
N ASP A 292 12.15 12.51 22.68
CA ASP A 292 10.69 12.53 22.67
C ASP A 292 10.12 11.41 23.55
N LEU A 293 10.72 10.23 23.45
CA LEU A 293 10.26 9.08 24.24
C LEU A 293 10.50 9.25 25.75
N VAL A 294 11.64 9.84 26.16
CA VAL A 294 11.85 10.21 27.58
C VAL A 294 10.72 11.13 28.07
N VAL A 295 10.49 12.23 27.35
CA VAL A 295 9.45 13.19 27.75
C VAL A 295 8.04 12.58 27.69
N ASP A 296 7.74 11.83 26.62
CA ASP A 296 6.41 11.23 26.48
C ASP A 296 6.10 10.15 27.55
N ASN A 297 7.13 9.42 27.99
CA ASN A 297 6.98 8.55 29.18
C ASN A 297 6.57 9.36 30.42
N LEU A 298 7.23 10.46 30.68
CA LEU A 298 6.92 11.30 31.85
C LEU A 298 5.50 11.88 31.73
N LYS A 299 5.16 12.40 30.55
CA LYS A 299 3.82 12.94 30.30
C LYS A 299 2.72 11.88 30.44
N ALA A 300 2.96 10.69 29.90
CA ALA A 300 2.00 9.58 30.04
C ALA A 300 1.83 9.18 31.50
N TRP A 301 2.93 9.06 32.23
CA TRP A 301 2.89 8.70 33.66
C TRP A 301 2.04 9.67 34.47
N PHE A 302 2.32 10.96 34.33
CA PHE A 302 1.65 11.96 35.16
C PHE A 302 0.23 12.30 34.68
N SER A 303 -0.11 11.98 33.43
CA SER A 303 -1.43 12.26 32.91
C SER A 303 -2.39 11.06 32.98
N THR A 304 -1.88 9.85 32.77
CA THR A 304 -2.68 8.62 32.75
C THR A 304 -2.32 7.54 33.79
N GLY A 305 -1.16 7.68 34.42
CA GLY A 305 -0.66 6.68 35.35
C GLY A 305 -0.03 5.44 34.74
N GLU A 306 0.13 5.43 33.41
CA GLU A 306 0.75 4.31 32.70
C GLU A 306 1.86 4.87 31.82
N ALA A 307 3.07 4.40 32.06
CA ALA A 307 4.21 4.78 31.23
C ALA A 307 4.12 4.10 29.87
N LEU A 308 4.93 4.57 28.90
CA LEU A 308 4.93 4.01 27.57
C LEU A 308 5.85 2.80 27.49
N THR A 309 7.04 2.93 28.06
CA THR A 309 8.10 1.91 27.96
C THR A 309 8.76 1.67 29.32
N PRO A 310 7.96 1.23 30.31
CA PRO A 310 8.59 0.81 31.56
C PRO A 310 9.48 -0.42 31.30
N VAL A 311 10.52 -0.54 32.11
CA VAL A 311 11.41 -1.68 32.07
C VAL A 311 10.76 -2.89 32.69
N ALA A 312 11.26 -4.07 32.34
CA ALA A 312 10.69 -5.33 32.83
C ALA A 312 10.60 -5.46 34.36
N GLU A 313 11.60 -4.89 35.05
CA GLU A 313 11.68 -4.98 36.51
C GLU A 313 10.67 -4.08 37.25
N THR A 314 10.06 -3.12 36.56
CA THR A 314 9.13 -2.15 37.15
C THR A 314 7.83 -2.02 36.32
N PRO A 315 6.97 -3.05 36.31
CA PRO A 315 5.71 -2.98 35.56
C PRO A 315 4.64 -2.29 36.43
N PHE A 316 4.88 -1.01 36.70
CA PHE A 316 4.16 -0.30 37.75
C PHE A 316 3.12 0.62 37.14
N ARG A 317 2.11 0.95 37.96
CA ARG A 317 1.10 1.96 37.61
C ARG A 317 1.12 3.01 38.71
N ARG A 318 0.89 4.26 38.34
CA ARG A 318 1.00 5.35 39.28
C ARG A 318 -0.06 5.32 40.36
N ARG A 319 0.38 5.51 41.61
CA ARG A 319 -0.54 5.77 42.73
C ARG A 319 -0.28 7.19 43.24
N ALA A 320 -1.30 8.03 43.20
CA ALA A 320 -1.21 9.40 43.72
C ALA A 320 -2.21 9.59 44.84
N ARG B 4 55.99 -22.45 -24.82
CA ARG B 4 55.21 -21.62 -23.84
C ARG B 4 54.89 -20.26 -24.45
N PRO B 5 53.59 -19.89 -24.53
CA PRO B 5 53.29 -18.55 -25.02
C PRO B 5 53.86 -17.46 -24.10
N ARG B 6 54.21 -16.34 -24.70
CA ARG B 6 54.85 -15.25 -24.01
C ARG B 6 53.84 -14.18 -23.66
N ILE B 7 53.74 -13.88 -22.36
CA ILE B 7 52.76 -12.94 -21.86
C ILE B 7 53.49 -11.71 -21.32
N LEU B 8 53.11 -10.55 -21.84
CA LEU B 8 53.60 -9.27 -21.36
C LEU B 8 52.83 -8.80 -20.14
N VAL B 9 53.56 -8.42 -19.09
CA VAL B 9 52.97 -7.74 -17.94
C VAL B 9 53.62 -6.35 -17.85
N PRO B 10 52.89 -5.30 -18.25
CA PRO B 10 53.43 -3.97 -18.15
C PRO B 10 53.12 -3.32 -16.79
N GLY B 11 54.14 -2.84 -16.11
CA GLY B 11 53.95 -2.09 -14.87
C GLY B 11 53.53 -2.97 -13.71
N LYS B 12 52.93 -2.34 -12.71
CA LYS B 12 52.61 -3.01 -11.46
C LYS B 12 51.39 -3.91 -11.62
N ILE B 13 51.48 -5.08 -11.00
CA ILE B 13 50.35 -5.99 -10.92
C ILE B 13 50.47 -6.80 -9.64
N ASN B 14 49.34 -7.33 -9.18
CA ASN B 14 49.33 -8.17 -7.98
C ASN B 14 50.34 -9.31 -8.13
N PRO B 15 51.19 -9.52 -7.12
CA PRO B 15 52.20 -10.58 -7.28
C PRO B 15 51.66 -11.98 -7.57
N ARG B 16 50.42 -12.28 -7.14
CA ARG B 16 49.80 -13.57 -7.44
C ARG B 16 49.72 -13.85 -8.94
N VAL B 17 49.50 -12.82 -9.74
CA VAL B 17 49.50 -12.98 -11.21
C VAL B 17 50.88 -13.47 -11.66
N LEU B 18 51.92 -12.79 -11.18
CA LEU B 18 53.32 -13.15 -11.53
C LEU B 18 53.70 -14.55 -11.06
N GLU B 19 53.22 -14.91 -9.88
CA GLU B 19 53.46 -16.23 -9.30
C GLU B 19 52.85 -17.38 -10.11
N ARG B 20 51.71 -17.13 -10.76
CA ARG B 20 50.95 -18.20 -11.43
C ARG B 20 51.13 -18.26 -12.95
N LEU B 21 51.52 -17.16 -13.58
CA LEU B 21 51.81 -17.20 -15.04
C LEU B 21 52.77 -18.31 -15.49
N PRO B 22 53.83 -18.62 -14.71
CA PRO B 22 54.71 -19.73 -15.08
C PRO B 22 54.11 -21.14 -15.15
N GLU B 23 52.87 -21.33 -14.69
CA GLU B 23 52.17 -22.61 -14.84
C GLU B 23 52.06 -23.02 -16.31
N MET B 24 51.99 -22.04 -17.20
CA MET B 24 51.87 -22.27 -18.65
C MET B 24 52.67 -21.34 -19.56
N PHE B 25 53.15 -20.21 -19.03
CA PHE B 25 53.64 -19.10 -19.82
C PHE B 25 55.05 -18.69 -19.51
N GLU B 26 55.70 -18.07 -20.50
CA GLU B 26 56.91 -17.32 -20.25
C GLU B 26 56.45 -15.88 -20.05
N THR B 27 56.97 -15.23 -19.01
CA THR B 27 56.58 -13.86 -18.70
C THR B 27 57.59 -12.87 -19.21
N VAL B 28 57.08 -11.77 -19.78
CA VAL B 28 57.89 -10.68 -20.30
C VAL B 28 57.45 -9.42 -19.54
N ARG B 29 58.38 -8.80 -18.83
CA ARG B 29 58.06 -7.65 -17.98
C ARG B 29 58.57 -6.37 -18.59
N ILE B 30 57.74 -5.33 -18.58
CA ILE B 30 58.24 -3.95 -18.80
C ILE B 30 57.79 -3.07 -17.64
N GLU B 31 58.58 -2.03 -17.36
CA GLU B 31 58.42 -1.23 -16.15
C GLU B 31 57.18 -0.33 -16.15
N ARG B 32 56.73 0.10 -17.32
CA ARG B 32 55.54 0.93 -17.49
C ARG B 32 54.79 0.48 -18.73
N ALA B 33 53.53 0.85 -18.82
CA ALA B 33 52.71 0.57 -20.01
C ALA B 33 53.05 1.62 -21.07
N ASP B 34 54.18 1.41 -21.72
CA ASP B 34 54.79 2.42 -22.61
C ASP B 34 55.45 1.71 -23.80
N ALA B 35 54.99 2.05 -25.01
CA ALA B 35 55.48 1.41 -26.23
C ALA B 35 56.98 1.59 -26.45
N ALA B 36 57.53 2.69 -25.92
CA ALA B 36 58.96 2.97 -25.96
C ALA B 36 59.84 1.88 -25.31
N LEU B 37 59.28 1.13 -24.36
CA LEU B 37 60.01 0.04 -23.69
C LEU B 37 59.98 -1.30 -24.42
N VAL B 38 59.27 -1.38 -25.55
CA VAL B 38 59.16 -2.63 -26.29
C VAL B 38 60.41 -2.78 -27.17
N THR B 39 61.12 -3.90 -27.00
CA THR B 39 62.29 -4.24 -27.79
C THR B 39 61.92 -5.26 -28.85
N ALA B 40 62.76 -5.38 -29.88
CA ALA B 40 62.53 -6.30 -31.00
C ALA B 40 62.35 -7.75 -30.55
N ASP B 41 63.07 -8.16 -29.51
CA ASP B 41 62.95 -9.51 -28.93
C ASP B 41 61.55 -9.83 -28.36
N MET B 42 60.75 -8.80 -28.09
CA MET B 42 59.39 -8.97 -27.54
C MET B 42 58.29 -9.09 -28.60
N ARG B 43 58.62 -9.00 -29.88
CA ARG B 43 57.59 -8.99 -30.94
C ARG B 43 56.81 -10.30 -31.15
N ASP B 44 57.27 -11.39 -30.52
CA ASP B 44 56.55 -12.67 -30.50
C ASP B 44 55.53 -12.84 -29.35
N VAL B 45 55.33 -11.79 -28.55
CA VAL B 45 54.38 -11.83 -27.44
C VAL B 45 52.97 -12.12 -27.96
N SER B 46 52.27 -13.05 -27.28
CA SER B 46 50.94 -13.50 -27.70
C SER B 46 49.80 -13.02 -26.78
N GLY B 47 50.12 -12.52 -25.59
CA GLY B 47 49.09 -12.08 -24.65
C GLY B 47 49.61 -10.98 -23.75
N ILE B 48 48.68 -10.23 -23.16
CA ILE B 48 49.00 -9.21 -22.16
C ILE B 48 48.12 -9.44 -20.95
N ALA B 49 48.71 -9.40 -19.75
CA ALA B 49 47.97 -9.26 -18.49
C ALA B 49 48.28 -7.89 -17.92
N VAL B 50 47.25 -7.09 -17.68
CA VAL B 50 47.40 -5.69 -17.32
C VAL B 50 46.44 -5.20 -16.24
N SER B 51 46.98 -4.42 -15.31
CA SER B 51 46.20 -3.65 -14.37
C SER B 51 46.41 -2.17 -14.66
N GLY B 52 45.35 -1.48 -15.02
CA GLY B 52 45.42 -0.07 -15.37
C GLY B 52 45.29 0.10 -16.86
N LYS B 53 45.70 1.28 -17.34
CA LYS B 53 45.52 1.66 -18.73
C LYS B 53 46.45 0.87 -19.66
N LEU B 54 45.93 0.54 -20.85
CA LEU B 54 46.74 -0.05 -21.90
C LEU B 54 46.65 0.87 -23.11
N PRO B 55 47.65 1.75 -23.29
CA PRO B 55 47.63 2.65 -24.44
C PRO B 55 47.65 1.88 -25.76
N VAL B 56 46.92 2.40 -26.75
CA VAL B 56 46.85 1.78 -28.08
C VAL B 56 48.23 1.56 -28.73
N PRO B 57 49.16 2.54 -28.62
CA PRO B 57 50.48 2.31 -29.22
C PRO B 57 51.23 1.10 -28.63
N LEU B 58 51.04 0.83 -27.34
CA LEU B 58 51.61 -0.36 -26.71
C LEU B 58 50.92 -1.63 -27.23
N MET B 59 49.59 -1.60 -27.27
CA MET B 59 48.83 -2.73 -27.77
C MET B 59 49.20 -3.05 -29.23
N ASP B 60 49.36 -2.01 -30.03
CA ASP B 60 49.71 -2.15 -31.46
C ASP B 60 51.19 -2.41 -31.77
N ALA B 61 52.04 -2.44 -30.76
CA ALA B 61 53.44 -2.85 -30.88
C ALA B 61 53.63 -4.37 -31.05
N PHE B 62 52.55 -5.14 -30.85
CA PHE B 62 52.61 -6.60 -30.83
C PHE B 62 51.77 -7.19 -31.95
N PRO B 63 52.41 -7.55 -33.08
CA PRO B 63 51.62 -8.07 -34.21
C PRO B 63 50.98 -9.45 -33.97
N SER B 64 51.54 -10.26 -33.05
CA SER B 64 51.00 -11.58 -32.73
C SER B 64 50.06 -11.62 -31.50
N LEU B 65 49.63 -10.44 -31.03
CA LEU B 65 48.81 -10.35 -29.84
C LEU B 65 47.46 -11.00 -30.11
N GLU B 66 47.04 -11.89 -29.21
CA GLU B 66 45.75 -12.56 -29.31
C GLU B 66 44.72 -12.15 -28.25
N ILE B 67 45.21 -11.75 -27.06
CA ILE B 67 44.38 -11.58 -25.87
C ILE B 67 44.95 -10.52 -24.94
N VAL B 68 44.06 -9.66 -24.45
CA VAL B 68 44.37 -8.76 -23.32
C VAL B 68 43.48 -9.20 -22.15
N ALA B 69 44.14 -9.62 -21.06
CA ALA B 69 43.47 -10.00 -19.83
C ALA B 69 43.56 -8.86 -18.85
N ASN B 70 42.45 -8.14 -18.72
CA ASN B 70 42.34 -6.99 -17.82
C ASN B 70 42.08 -7.40 -16.35
N PHE B 71 42.87 -6.84 -15.44
CA PHE B 71 42.68 -7.01 -14.00
C PHE B 71 41.68 -5.93 -13.54
N GLY B 72 40.47 -6.37 -13.22
CA GLY B 72 39.35 -5.45 -12.94
C GLY B 72 38.13 -5.75 -13.80
N VAL B 73 36.95 -5.46 -13.27
CA VAL B 73 35.71 -5.65 -14.04
C VAL B 73 35.48 -4.52 -15.02
N GLY B 74 35.81 -3.29 -14.62
CA GLY B 74 35.86 -2.16 -15.54
C GLY B 74 37.07 -2.31 -16.46
N TYR B 75 36.84 -2.07 -17.76
CA TYR B 75 37.91 -2.21 -18.74
C TYR B 75 38.01 -0.99 -19.68
N ASP B 76 37.61 0.17 -19.17
CA ASP B 76 37.72 1.43 -19.90
C ASP B 76 39.16 1.87 -20.22
N GLY B 77 40.15 1.32 -19.50
CA GLY B 77 41.57 1.54 -19.84
C GLY B 77 42.08 0.79 -21.07
N VAL B 78 41.25 -0.11 -21.59
CA VAL B 78 41.54 -0.83 -22.82
C VAL B 78 40.66 -0.26 -23.94
N ASP B 79 41.25 0.02 -25.10
CA ASP B 79 40.50 0.47 -26.28
C ASP B 79 39.90 -0.78 -26.94
N VAL B 80 38.72 -1.15 -26.47
CA VAL B 80 38.12 -2.43 -26.90
C VAL B 80 37.67 -2.38 -28.37
N SER B 81 37.38 -1.17 -28.87
CA SER B 81 37.01 -0.98 -30.27
C SER B 81 38.20 -1.33 -31.17
N ARG B 82 39.38 -0.85 -30.81
CA ARG B 82 40.61 -1.17 -31.52
C ARG B 82 40.98 -2.66 -31.39
N ALA B 83 40.81 -3.23 -30.19
CA ALA B 83 41.05 -4.65 -29.97
C ALA B 83 40.13 -5.47 -30.87
N ALA B 84 38.85 -5.13 -30.86
CA ALA B 84 37.85 -5.84 -31.71
C ALA B 84 38.23 -5.76 -33.20
N ALA B 85 38.62 -4.57 -33.66
CA ALA B 85 39.02 -4.37 -35.06
C ALA B 85 40.23 -5.21 -35.47
N ARG B 86 41.11 -5.50 -34.51
CA ARG B 86 42.27 -6.38 -34.70
C ARG B 86 42.00 -7.86 -34.40
N GLY B 87 40.76 -8.21 -34.02
CA GLY B 87 40.41 -9.58 -33.63
C GLY B 87 41.06 -10.09 -32.35
N ILE B 88 41.39 -9.16 -31.46
CA ILE B 88 42.00 -9.44 -30.17
C ILE B 88 40.90 -9.55 -29.12
N VAL B 89 40.85 -10.68 -28.40
CA VAL B 89 39.88 -10.86 -27.34
C VAL B 89 40.34 -10.09 -26.11
N VAL B 90 39.37 -9.53 -25.38
CA VAL B 90 39.62 -8.82 -24.15
C VAL B 90 38.81 -9.52 -23.06
N THR B 91 39.46 -9.81 -21.93
CA THR B 91 38.80 -10.42 -20.77
C THR B 91 38.88 -9.47 -19.57
N ASN B 92 37.90 -9.58 -18.69
CA ASN B 92 37.87 -8.78 -17.45
C ASN B 92 37.65 -9.72 -16.27
N THR B 93 37.42 -9.15 -15.09
CA THR B 93 37.27 -9.95 -13.88
C THR B 93 35.93 -9.63 -13.18
N PRO B 94 34.81 -10.00 -13.83
CA PRO B 94 33.51 -9.85 -13.18
C PRO B 94 33.28 -10.91 -12.12
N ASP B 95 32.24 -10.71 -11.32
CA ASP B 95 31.68 -11.70 -10.37
C ASP B 95 32.48 -11.97 -9.09
N VAL B 96 33.77 -12.24 -9.24
CA VAL B 96 34.67 -12.54 -8.12
C VAL B 96 34.88 -11.35 -7.15
N LEU B 97 34.52 -10.14 -7.60
CA LEU B 97 34.64 -8.94 -6.77
C LEU B 97 33.26 -8.32 -6.43
N THR B 98 32.18 -8.94 -6.89
CA THR B 98 30.85 -8.28 -6.84
C THR B 98 30.43 -8.00 -5.39
N GLU B 99 30.51 -9.02 -4.56
CA GLU B 99 30.09 -8.93 -3.17
C GLU B 99 31.02 -8.01 -2.36
N GLU B 100 32.33 -8.05 -2.64
CA GLU B 100 33.30 -7.18 -1.96
C GLU B 100 33.01 -5.71 -2.25
N VAL B 101 32.76 -5.38 -3.52
CA VAL B 101 32.53 -4.00 -3.91
C VAL B 101 31.19 -3.51 -3.32
N ALA B 102 30.19 -4.38 -3.31
CA ALA B 102 28.89 -4.04 -2.74
C ALA B 102 29.04 -3.75 -1.23
N ASP B 103 29.88 -4.52 -0.56
CA ASP B 103 30.22 -4.29 0.88
C ASP B 103 30.82 -2.92 1.10
N THR B 104 31.81 -2.57 0.28
CA THR B 104 32.48 -1.29 0.37
C THR B 104 31.52 -0.15 0.16
N ALA B 105 30.62 -0.29 -0.81
CA ALA B 105 29.62 0.73 -1.10
C ALA B 105 28.76 1.05 0.13
N ILE B 106 28.31 0.00 0.79
CA ILE B 106 27.53 0.17 2.02
C ILE B 106 28.37 0.82 3.13
N GLY B 107 29.61 0.37 3.31
CA GLY B 107 30.51 0.98 4.31
C GLY B 107 30.71 2.47 4.06
N LEU B 108 30.94 2.81 2.79
CA LEU B 108 31.12 4.19 2.39
C LEU B 108 29.87 5.02 2.66
N LEU B 109 28.71 4.47 2.32
CA LEU B 109 27.44 5.13 2.58
C LEU B 109 27.28 5.40 4.07
N LEU B 110 27.51 4.39 4.91
CA LEU B 110 27.37 4.56 6.36
C LEU B 110 28.37 5.57 6.94
N ASN B 111 29.63 5.54 6.45
CA ASN B 111 30.64 6.49 6.88
C ASN B 111 30.29 7.92 6.48
N THR B 112 29.70 8.08 5.30
CA THR B 112 29.26 9.37 4.80
C THR B 112 28.11 9.95 5.65
N LEU B 113 27.14 9.10 5.99
CA LEU B 113 25.95 9.52 6.71
C LEU B 113 26.20 9.75 8.20
N ARG B 114 26.93 8.85 8.82
CA ARG B 114 27.09 8.83 10.26
C ARG B 114 28.45 9.36 10.75
N LEU B 115 29.35 9.73 9.82
CA LEU B 115 30.63 10.37 10.17
C LEU B 115 31.54 9.50 11.06
N LEU B 116 31.47 8.18 10.85
CA LEU B 116 32.18 7.25 11.70
C LEU B 116 33.69 7.45 11.68
N PRO B 117 34.29 7.71 10.49
CA PRO B 117 35.73 7.99 10.52
C PRO B 117 36.10 9.21 11.38
N GLN B 118 35.28 10.25 11.32
CA GLN B 118 35.50 11.45 12.12
C GLN B 118 35.29 11.18 13.61
N ALA B 119 34.31 10.35 13.94
CA ALA B 119 34.07 9.98 15.33
C ALA B 119 35.26 9.20 15.91
N GLU B 120 35.83 8.30 15.12
CA GLU B 120 37.04 7.56 15.53
C GLU B 120 38.24 8.51 15.73
N GLN B 121 38.42 9.47 14.84
CA GLN B 121 39.42 10.52 15.03
C GLN B 121 39.24 11.32 16.32
N TRP B 122 38.00 11.71 16.62
CA TRP B 122 37.67 12.40 17.86
C TRP B 122 38.18 11.60 19.08
N LEU B 123 37.85 10.31 19.13
CA LEU B 123 38.35 9.42 20.19
C LEU B 123 39.89 9.31 20.20
N ARG B 124 40.47 9.00 19.05
CA ARG B 124 41.93 8.77 18.98
C ARG B 124 42.75 10.01 19.30
N GLN B 125 42.19 11.19 19.06
CA GLN B 125 42.86 12.45 19.38
C GLN B 125 42.72 12.90 20.83
N GLY B 126 41.98 12.13 21.65
CA GLY B 126 41.78 12.45 23.06
C GLY B 126 40.63 13.40 23.37
N ARG B 127 39.82 13.70 22.36
CA ARG B 127 38.72 14.64 22.50
C ARG B 127 37.52 14.08 23.29
N TRP B 128 37.32 12.77 23.31
CA TRP B 128 36.24 12.16 24.10
C TRP B 128 36.47 12.43 25.57
N VAL B 129 37.72 12.31 26.00
CA VAL B 129 38.11 12.55 27.41
C VAL B 129 37.99 14.05 27.73
N ARG B 130 38.61 14.90 26.92
CA ARG B 130 38.68 16.33 27.18
C ARG B 130 37.41 17.18 26.94
N GLU B 131 36.66 16.86 25.88
CA GLU B 131 35.50 17.60 25.40
C GLU B 131 34.14 16.89 25.51
N GLY B 132 34.13 15.60 25.72
CA GLY B 132 32.90 14.82 25.83
C GLY B 132 32.50 14.27 24.47
N ALA B 133 31.21 14.08 24.29
CA ALA B 133 30.69 13.31 23.17
C ALA B 133 30.99 13.96 21.83
N PHE B 134 31.24 13.12 20.84
CA PHE B 134 31.30 13.56 19.45
C PHE B 134 29.94 14.16 19.08
N PRO B 135 29.95 15.27 18.33
CA PRO B 135 28.67 15.88 17.92
C PRO B 135 27.78 14.89 17.16
N LEU B 136 26.47 15.08 17.28
CA LEU B 136 25.52 14.17 16.62
C LEU B 136 25.65 14.34 15.11
N SER B 137 25.56 13.24 14.37
CA SER B 137 25.55 13.32 12.88
C SER B 137 24.24 13.97 12.39
N PRO B 138 24.34 15.03 11.53
CA PRO B 138 23.09 15.62 11.01
C PRO B 138 22.28 14.66 10.14
N LEU B 139 22.96 13.71 9.49
CA LEU B 139 22.33 12.75 8.63
C LEU B 139 22.23 11.35 9.24
N SER B 140 21.40 10.53 8.59
CA SER B 140 21.15 9.15 8.97
C SER B 140 20.67 8.37 7.75
N LEU B 141 20.80 7.04 7.80
CA LEU B 141 20.15 6.20 6.76
C LEU B 141 18.63 6.09 6.98
N ARG B 142 18.19 6.28 8.22
CA ARG B 142 16.78 6.13 8.57
C ARG B 142 15.89 7.05 7.72
N GLY B 143 14.90 6.46 7.08
CA GLY B 143 13.94 7.19 6.28
C GLY B 143 14.36 7.55 4.87
N ARG B 144 15.56 7.13 4.45
CA ARG B 144 16.08 7.52 3.13
C ARG B 144 15.47 6.70 2.01
N THR B 145 15.60 7.24 0.80
CA THR B 145 15.14 6.61 -0.41
C THR B 145 16.33 6.59 -1.35
N VAL B 146 16.68 5.41 -1.81
CA VAL B 146 17.93 5.20 -2.52
C VAL B 146 17.65 4.96 -4.00
N GLY B 147 18.40 5.66 -4.85
CA GLY B 147 18.34 5.44 -6.30
C GLY B 147 19.68 4.89 -6.75
N LEU B 148 19.65 3.71 -7.39
CA LEU B 148 20.86 3.12 -7.98
C LEU B 148 20.97 3.47 -9.46
N PHE B 149 21.99 4.24 -9.79
CA PHE B 149 22.40 4.48 -11.18
C PHE B 149 23.30 3.31 -11.60
N GLY B 150 22.73 2.38 -12.35
CA GLY B 150 23.33 1.07 -12.63
C GLY B 150 22.69 0.04 -11.71
N LEU B 151 22.28 -1.09 -12.30
CA LEU B 151 21.71 -2.21 -11.54
C LEU B 151 22.16 -3.51 -12.19
N GLY B 152 23.48 -3.59 -12.37
CA GLY B 152 24.13 -4.75 -12.97
C GLY B 152 24.54 -5.74 -11.90
N ARG B 153 25.64 -6.41 -12.13
CA ARG B 153 26.15 -7.39 -11.14
C ARG B 153 26.31 -6.71 -9.78
N ILE B 154 27.00 -5.57 -9.78
CA ILE B 154 27.32 -4.89 -8.52
C ILE B 154 26.11 -4.08 -8.00
N GLY B 155 25.45 -3.33 -8.88
CA GLY B 155 24.26 -2.57 -8.45
C GLY B 155 23.18 -3.42 -7.80
N LEU B 156 22.89 -4.58 -8.40
CA LEU B 156 21.92 -5.50 -7.79
C LEU B 156 22.36 -6.00 -6.41
N ALA B 157 23.66 -6.31 -6.26
CA ALA B 157 24.21 -6.73 -4.97
C ALA B 157 24.07 -5.64 -3.89
N ILE B 158 24.29 -4.38 -4.30
CA ILE B 158 24.07 -3.23 -3.42
C ILE B 158 22.59 -3.11 -3.04
N ALA B 159 21.71 -3.21 -4.03
CA ALA B 159 20.26 -3.18 -3.76
C ALA B 159 19.80 -4.27 -2.78
N ARG B 160 20.33 -5.50 -2.93
CA ARG B 160 19.97 -6.60 -2.02
C ARG B 160 20.35 -6.27 -0.59
N ARG B 161 21.53 -5.69 -0.41
CA ARG B 161 21.96 -5.22 0.93
C ARG B 161 21.01 -4.18 1.47
N LEU B 162 20.72 -3.17 0.66
CA LEU B 162 19.87 -2.06 1.09
C LEU B 162 18.43 -2.47 1.42
N GLU B 163 17.91 -3.50 0.76
CA GLU B 163 16.60 -4.06 1.14
C GLU B 163 16.51 -4.42 2.62
N ALA B 164 17.59 -4.90 3.19
CA ALA B 164 17.64 -5.31 4.60
C ALA B 164 17.78 -4.15 5.59
N PHE B 165 18.08 -2.95 5.09
CA PHE B 165 18.18 -1.73 5.92
C PHE B 165 16.88 -0.92 6.02
N GLY B 166 15.80 -1.42 5.44
CA GLY B 166 14.49 -0.78 5.51
C GLY B 166 14.35 0.56 4.81
N VAL B 167 15.03 0.71 3.67
CA VAL B 167 14.92 1.91 2.84
C VAL B 167 14.28 1.55 1.50
N SER B 168 13.55 2.51 0.92
CA SER B 168 13.01 2.36 -0.42
C SER B 168 14.12 2.31 -1.46
N ILE B 169 13.93 1.51 -2.51
CA ILE B 169 14.92 1.35 -3.58
C ILE B 169 14.35 1.59 -4.99
N ALA B 170 15.02 2.46 -5.75
CA ALA B 170 14.70 2.70 -7.16
C ALA B 170 15.98 2.56 -7.99
N TYR B 171 15.83 2.50 -9.31
CA TYR B 171 17.02 2.35 -10.15
C TYR B 171 16.81 2.94 -11.53
N HIS B 172 17.93 3.30 -12.15
CA HIS B 172 17.97 3.79 -13.52
C HIS B 172 19.04 3.06 -14.32
N THR B 173 18.58 2.47 -15.42
CA THR B 173 19.42 1.76 -16.39
C THR B 173 18.82 2.07 -17.75
N ARG B 174 19.52 1.77 -18.83
CA ARG B 174 18.96 2.01 -20.18
C ARG B 174 17.79 1.08 -20.49
N THR B 175 17.86 -0.16 -19.99
CA THR B 175 16.81 -1.18 -20.15
C THR B 175 16.39 -1.66 -18.76
N PRO B 176 15.06 -1.67 -18.46
CA PRO B 176 14.57 -2.21 -17.18
C PRO B 176 14.92 -3.69 -16.99
N ARG B 177 15.14 -4.07 -15.73
CA ARG B 177 15.28 -5.45 -15.31
C ARG B 177 14.01 -5.84 -14.56
N GLU B 178 13.04 -6.37 -15.30
CA GLU B 178 11.80 -6.88 -14.72
C GLU B 178 12.02 -8.19 -13.98
N GLY B 179 11.14 -8.46 -13.01
CA GLY B 179 11.27 -9.60 -12.10
C GLY B 179 11.66 -9.17 -10.69
N LEU B 180 12.27 -7.99 -10.59
CA LEU B 180 12.71 -7.42 -9.33
C LEU B 180 11.58 -6.51 -8.85
N GLY B 181 11.52 -6.28 -7.54
CA GLY B 181 10.49 -5.41 -6.96
C GLY B 181 10.89 -3.94 -6.84
N PHE B 182 11.84 -3.48 -7.66
CA PHE B 182 12.35 -2.12 -7.54
C PHE B 182 11.71 -1.22 -8.61
N THR B 183 11.54 0.06 -8.25
CA THR B 183 10.97 1.06 -9.16
C THR B 183 11.98 1.52 -10.22
N TYR B 184 11.63 1.31 -11.49
CA TYR B 184 12.44 1.77 -12.60
C TYR B 184 12.12 3.22 -12.96
N HIS B 185 13.18 3.99 -13.24
CA HIS B 185 13.09 5.33 -13.78
C HIS B 185 13.78 5.37 -15.13
N PRO B 186 13.06 5.82 -16.18
CA PRO B 186 13.68 5.86 -17.51
C PRO B 186 14.71 6.97 -17.71
N THR B 187 14.78 7.96 -16.81
CA THR B 187 15.81 9.00 -16.86
C THR B 187 16.52 9.13 -15.53
N LEU B 188 17.77 9.56 -15.60
CA LEU B 188 18.59 9.75 -14.39
C LEU B 188 18.03 10.90 -13.54
N VAL B 189 17.73 12.02 -14.20
CA VAL B 189 17.23 13.20 -13.51
C VAL B 189 15.88 12.94 -12.82
N GLY B 190 15.03 12.14 -13.45
CA GLY B 190 13.75 11.72 -12.86
C GLY B 190 13.93 10.91 -11.60
N MET B 191 14.87 9.97 -11.62
CA MET B 191 15.20 9.22 -10.41
C MET B 191 15.73 10.16 -9.33
N ALA B 192 16.65 11.05 -9.70
CA ALA B 192 17.27 11.98 -8.73
C ALA B 192 16.20 12.83 -8.04
N GLU B 193 15.22 13.32 -8.80
CA GLU B 193 14.08 14.04 -8.23
C GLU B 193 13.39 13.24 -7.11
N ALA B 194 13.10 11.97 -7.41
CA ALA B 194 12.35 11.05 -6.54
C ALA B 194 13.09 10.55 -5.29
N VAL B 195 14.41 10.55 -5.32
CA VAL B 195 15.21 9.96 -4.23
C VAL B 195 16.01 11.02 -3.49
N ASP B 196 16.58 10.66 -2.33
CA ASP B 196 17.50 11.56 -1.64
C ASP B 196 18.91 10.96 -1.48
N THR B 197 19.14 9.79 -2.05
CA THR B 197 20.42 9.11 -1.92
C THR B 197 20.70 8.46 -3.28
N LEU B 198 21.79 8.87 -3.94
CA LEU B 198 22.13 8.40 -5.28
C LEU B 198 23.43 7.60 -5.24
N ILE B 199 23.37 6.33 -5.61
CA ILE B 199 24.55 5.45 -5.65
C ILE B 199 24.92 5.19 -7.11
N VAL B 200 26.15 5.54 -7.49
CA VAL B 200 26.65 5.43 -8.86
C VAL B 200 27.51 4.18 -9.05
N ILE B 201 27.08 3.33 -9.98
CA ILE B 201 27.73 2.04 -10.19
C ILE B 201 27.50 1.60 -11.64
N VAL B 202 27.81 2.51 -12.55
CA VAL B 202 27.83 2.25 -13.99
C VAL B 202 29.27 2.25 -14.50
N PRO B 203 29.51 1.65 -15.67
CA PRO B 203 30.85 1.71 -16.23
C PRO B 203 31.19 3.12 -16.71
N GLY B 204 32.48 3.36 -16.91
CA GLY B 204 32.99 4.60 -17.45
C GLY B 204 33.04 4.58 -18.95
N THR B 205 31.95 5.03 -19.57
CA THR B 205 31.86 5.09 -21.03
C THR B 205 31.45 6.47 -21.52
N ALA B 206 31.49 6.68 -22.83
CA ALA B 206 31.00 7.94 -23.40
C ALA B 206 29.57 8.28 -22.96
N SER B 207 28.71 7.29 -22.81
CA SER B 207 27.31 7.53 -22.42
C SER B 207 27.13 7.92 -20.95
N THR B 208 28.09 7.57 -20.09
CA THR B 208 28.03 7.95 -18.68
C THR B 208 28.92 9.13 -18.32
N LEU B 209 29.70 9.66 -19.27
CA LEU B 209 30.59 10.79 -19.03
C LEU B 209 29.86 12.03 -18.47
N LYS B 210 30.21 12.42 -17.25
CA LYS B 210 29.58 13.52 -16.51
C LYS B 210 28.05 13.47 -16.48
N ALA B 211 27.50 12.25 -16.40
CA ALA B 211 26.07 12.06 -16.32
C ALA B 211 25.54 12.66 -15.02
N VAL B 212 26.30 12.51 -13.94
CA VAL B 212 25.95 13.16 -12.67
C VAL B 212 26.50 14.60 -12.71
N ASN B 213 25.63 15.48 -13.18
CA ASN B 213 25.96 16.87 -13.46
C ASN B 213 25.16 17.79 -12.54
N ALA B 214 25.31 19.10 -12.73
CA ALA B 214 24.59 20.08 -11.90
C ALA B 214 23.07 19.87 -11.85
N ASP B 215 22.45 19.52 -12.98
CA ASP B 215 21.00 19.28 -13.01
C ASP B 215 20.58 18.06 -12.16
N VAL B 216 21.38 17.00 -12.24
CA VAL B 216 21.11 15.79 -11.47
C VAL B 216 21.29 16.08 -9.98
N LEU B 217 22.34 16.83 -9.64
CA LEU B 217 22.59 17.16 -8.23
C LEU B 217 21.53 18.09 -7.65
N SER B 218 21.08 19.08 -8.44
CA SER B 218 19.98 19.93 -8.02
C SER B 218 18.69 19.12 -7.77
N ALA B 219 18.41 18.16 -8.64
CA ALA B 219 17.22 17.28 -8.50
C ALA B 219 17.31 16.37 -7.27
N LEU B 220 18.51 15.88 -7.01
CA LEU B 220 18.77 15.05 -5.84
C LEU B 220 18.27 15.76 -4.58
N GLY B 221 18.67 17.03 -4.45
CA GLY B 221 18.08 17.95 -3.49
C GLY B 221 18.87 18.17 -2.21
N PRO B 222 18.34 19.01 -1.31
CA PRO B 222 19.08 19.46 -0.12
C PRO B 222 19.36 18.43 1.00
N LYS B 223 18.67 17.28 0.97
CA LYS B 223 19.01 16.17 1.85
C LYS B 223 19.89 15.15 1.10
N GLY B 224 20.33 15.53 -0.11
CA GLY B 224 20.90 14.62 -1.06
C GLY B 224 22.26 14.11 -0.65
N VAL B 225 22.46 12.82 -0.79
CA VAL B 225 23.79 12.20 -0.61
C VAL B 225 24.18 11.43 -1.88
N LEU B 226 25.36 11.73 -2.41
CA LEU B 226 25.94 11.06 -3.58
C LEU B 226 27.02 10.07 -3.15
N ILE B 227 26.92 8.82 -3.58
CA ILE B 227 27.96 7.81 -3.35
C ILE B 227 28.46 7.35 -4.71
N ASN B 228 29.76 7.47 -4.99
CA ASN B 228 30.31 7.00 -6.27
C ASN B 228 31.33 5.90 -6.02
N VAL B 229 30.98 4.70 -6.46
CA VAL B 229 31.87 3.53 -6.45
C VAL B 229 32.08 2.95 -7.86
N GLY B 230 31.69 3.72 -8.89
CA GLY B 230 31.82 3.27 -10.27
C GLY B 230 33.10 3.79 -10.90
N ARG B 231 32.97 4.88 -11.65
CA ARG B 231 34.12 5.59 -12.23
C ARG B 231 33.97 7.09 -11.97
N GLY B 232 35.11 7.73 -11.66
CA GLY B 232 35.19 9.18 -11.49
C GLY B 232 34.70 10.01 -12.66
N SER B 233 34.94 9.51 -13.89
CA SER B 233 34.44 10.15 -15.11
C SER B 233 32.93 10.43 -15.14
N THR B 234 32.15 9.61 -14.43
CA THR B 234 30.69 9.69 -14.45
C THR B 234 30.15 10.91 -13.68
N VAL B 235 30.93 11.45 -12.77
CA VAL B 235 30.55 12.61 -11.97
C VAL B 235 31.30 13.84 -12.47
N ASP B 236 30.55 14.92 -12.69
CA ASP B 236 31.12 16.22 -12.99
C ASP B 236 31.67 16.75 -11.67
N GLU B 237 32.98 16.60 -11.49
CA GLU B 237 33.61 16.79 -10.19
C GLU B 237 33.56 18.27 -9.75
N ALA B 238 33.77 19.18 -10.69
CA ALA B 238 33.61 20.60 -10.43
C ALA B 238 32.18 20.98 -10.01
N ALA B 239 31.18 20.40 -10.67
CA ALA B 239 29.78 20.63 -10.31
C ALA B 239 29.46 20.10 -8.91
N LEU B 240 30.10 18.97 -8.55
CA LEU B 240 29.91 18.38 -7.22
C LEU B 240 30.46 19.30 -6.14
N VAL B 241 31.67 19.84 -6.37
CA VAL B 241 32.28 20.77 -5.42
C VAL B 241 31.38 21.99 -5.21
N THR B 242 30.85 22.54 -6.31
CA THR B 242 29.93 23.66 -6.23
C THR B 242 28.66 23.35 -5.43
N ALA B 243 28.05 22.21 -5.71
CA ALA B 243 26.84 21.76 -5.01
C ALA B 243 27.09 21.58 -3.51
N LEU B 244 28.21 20.98 -3.14
CA LEU B 244 28.59 20.85 -1.72
C LEU B 244 28.83 22.22 -1.06
N GLN B 245 29.54 23.11 -1.75
CA GLN B 245 29.87 24.45 -1.24
C GLN B 245 28.59 25.25 -0.93
N ASN B 246 27.61 25.20 -1.85
CA ASN B 246 26.37 25.95 -1.76
C ASN B 246 25.27 25.31 -0.90
N GLY B 247 25.50 24.10 -0.42
CA GLY B 247 24.45 23.35 0.30
C GLY B 247 23.34 22.82 -0.59
N THR B 248 23.59 22.74 -1.90
CA THR B 248 22.65 22.14 -2.86
C THR B 248 22.36 20.68 -2.51
N ILE B 249 23.41 19.96 -2.11
CA ILE B 249 23.29 18.59 -1.58
C ILE B 249 23.93 18.56 -0.17
N ALA B 250 23.62 17.49 0.57
CA ALA B 250 23.99 17.39 1.97
C ALA B 250 25.29 16.62 2.25
N GLY B 251 25.77 15.82 1.32
CA GLY B 251 26.98 15.03 1.56
C GLY B 251 27.36 14.17 0.40
N ALA B 252 28.55 13.60 0.45
CA ALA B 252 29.03 12.71 -0.61
C ALA B 252 30.09 11.78 -0.08
N GLY B 253 30.13 10.57 -0.64
CA GLY B 253 31.15 9.56 -0.39
C GLY B 253 31.69 9.07 -1.71
N LEU B 254 33.01 9.18 -1.91
CA LEU B 254 33.63 8.89 -3.21
C LEU B 254 34.80 7.93 -3.07
N ASP B 255 34.77 6.84 -3.84
CA ASP B 255 35.89 5.89 -3.96
C ASP B 255 36.75 6.13 -5.21
N VAL B 256 36.21 6.91 -6.15
CA VAL B 256 36.80 7.10 -7.48
C VAL B 256 36.69 8.56 -7.89
N PHE B 257 37.59 8.99 -8.78
CA PHE B 257 37.80 10.40 -9.07
C PHE B 257 38.20 10.56 -10.52
N GLU B 258 38.07 11.79 -11.03
CA GLU B 258 38.38 12.12 -12.43
C GLU B 258 39.83 11.85 -12.82
N ASN B 259 40.77 12.16 -11.93
CA ASN B 259 42.20 12.08 -12.24
C ASN B 259 42.99 11.54 -11.06
N GLU B 260 42.71 10.28 -10.72
CA GLU B 260 43.37 9.57 -9.61
C GLU B 260 44.88 9.52 -9.87
N PRO B 261 45.73 9.68 -8.84
CA PRO B 261 45.36 9.79 -7.42
C PRO B 261 45.10 11.23 -6.92
N ASN B 262 44.88 12.18 -7.83
CA ASN B 262 44.70 13.57 -7.47
C ASN B 262 43.24 13.81 -7.10
N VAL B 263 43.04 14.39 -5.92
CA VAL B 263 41.73 14.76 -5.43
C VAL B 263 41.76 16.29 -5.22
N PRO B 264 40.78 17.02 -5.78
CA PRO B 264 40.77 18.48 -5.61
C PRO B 264 40.78 18.89 -4.14
N GLU B 265 41.60 19.90 -3.82
CA GLU B 265 41.76 20.42 -2.45
C GLU B 265 40.42 20.78 -1.82
N ALA B 266 39.51 21.35 -2.61
CA ALA B 266 38.19 21.75 -2.12
C ALA B 266 37.42 20.56 -1.57
N LEU B 267 37.49 19.41 -2.24
CA LEU B 267 36.81 18.21 -1.76
C LEU B 267 37.33 17.76 -0.38
N LEU B 268 38.61 17.98 -0.13
CA LEU B 268 39.21 17.64 1.17
C LEU B 268 38.73 18.52 2.34
N SER B 269 38.19 19.70 2.08
CA SER B 269 37.79 20.64 3.12
C SER B 269 36.42 20.41 3.77
N PHE B 270 35.54 19.67 3.08
CA PHE B 270 34.17 19.51 3.50
C PHE B 270 34.01 18.48 4.62
N PRO B 271 33.38 18.88 5.75
CA PRO B 271 33.20 17.91 6.82
C PRO B 271 32.07 16.89 6.59
N ASN B 272 31.33 17.03 5.48
CA ASN B 272 30.22 16.13 5.12
C ASN B 272 30.57 15.16 3.95
N VAL B 273 31.87 14.95 3.73
CA VAL B 273 32.37 14.15 2.61
C VAL B 273 33.33 13.09 3.13
N SER B 274 33.11 11.85 2.71
CA SER B 274 34.03 10.74 2.93
C SER B 274 34.74 10.40 1.62
N LEU B 275 36.05 10.23 1.70
CA LEU B 275 36.91 9.97 0.51
C LEU B 275 37.75 8.71 0.69
N LEU B 276 37.78 7.85 -0.32
CA LEU B 276 38.59 6.61 -0.28
C LEU B 276 39.46 6.51 -1.54
N PRO B 277 40.68 5.96 -1.41
CA PRO B 277 41.60 5.83 -2.55
C PRO B 277 41.34 4.58 -3.43
N HIS B 278 40.15 4.51 -4.01
CA HIS B 278 39.78 3.44 -4.96
C HIS B 278 40.01 2.03 -4.37
N VAL B 279 39.39 1.82 -3.22
CA VAL B 279 39.60 0.59 -2.43
C VAL B 279 38.44 -0.40 -2.49
N ALA B 280 37.42 -0.20 -3.32
CA ALA B 280 36.23 -1.05 -3.23
C ALA B 280 36.46 -2.57 -3.36
N SER B 281 37.45 -3.00 -4.15
CA SER B 281 37.78 -4.44 -4.23
C SER B 281 39.03 -4.84 -3.46
N ALA B 282 39.60 -3.91 -2.69
CA ALA B 282 40.99 -4.00 -2.21
C ALA B 282 41.21 -4.78 -0.89
N SER B 283 40.70 -6.01 -0.86
CA SER B 283 41.09 -6.98 0.18
C SER B 283 42.01 -8.01 -0.43
N VAL B 284 42.77 -8.68 0.42
CA VAL B 284 43.69 -9.72 -0.03
C VAL B 284 42.90 -10.84 -0.73
N VAL B 285 41.81 -11.30 -0.11
CA VAL B 285 41.03 -12.42 -0.68
C VAL B 285 40.45 -12.10 -2.05
N THR B 286 39.87 -10.90 -2.19
CA THR B 286 39.25 -10.52 -3.46
C THR B 286 40.29 -10.23 -4.55
N ARG B 287 41.39 -9.58 -4.20
CA ARG B 287 42.45 -9.35 -5.20
C ARG B 287 43.14 -10.65 -5.61
N ASN B 288 43.21 -11.62 -4.70
CA ASN B 288 43.72 -12.97 -5.02
C ASN B 288 42.80 -13.63 -6.06
N ALA B 289 41.49 -13.49 -5.85
CA ALA B 289 40.50 -14.04 -6.78
C ALA B 289 40.54 -13.37 -8.15
N MET B 290 40.71 -12.05 -8.17
CA MET B 290 40.88 -11.30 -9.40
C MET B 290 42.16 -11.75 -10.13
N SER B 291 43.25 -11.90 -9.39
CA SER B 291 44.51 -12.41 -9.97
C SER B 291 44.32 -13.79 -10.62
N ASP B 292 43.64 -14.68 -9.90
CA ASP B 292 43.39 -16.03 -10.40
C ASP B 292 42.58 -15.98 -11.69
N LEU B 293 41.57 -15.12 -11.74
CA LEU B 293 40.75 -15.00 -12.95
C LEU B 293 41.49 -14.42 -14.17
N VAL B 294 42.39 -13.46 -13.96
CA VAL B 294 43.29 -12.99 -15.04
C VAL B 294 44.10 -14.17 -15.60
N VAL B 295 44.80 -14.89 -14.73
CA VAL B 295 45.61 -16.04 -15.17
C VAL B 295 44.77 -17.17 -15.78
N ASP B 296 43.65 -17.49 -15.15
CA ASP B 296 42.80 -18.57 -15.65
C ASP B 296 42.13 -18.26 -17.00
N ASN B 297 41.82 -17.00 -17.27
CA ASN B 297 41.43 -16.57 -18.62
C ASN B 297 42.52 -16.88 -19.66
N LEU B 298 43.76 -16.51 -19.33
CA LEU B 298 44.88 -16.76 -20.26
C LEU B 298 45.09 -18.26 -20.46
N LYS B 299 45.07 -19.03 -19.38
CA LYS B 299 45.22 -20.50 -19.45
C LYS B 299 44.10 -21.15 -20.27
N ALA B 300 42.86 -20.73 -20.04
CA ALA B 300 41.72 -21.25 -20.81
C ALA B 300 41.86 -20.91 -22.31
N TRP B 301 42.22 -19.67 -22.61
CA TRP B 301 42.39 -19.24 -24.00
C TRP B 301 43.42 -20.10 -24.74
N PHE B 302 44.60 -20.25 -24.15
CA PHE B 302 45.69 -20.95 -24.82
C PHE B 302 45.56 -22.47 -24.80
N SER B 303 44.76 -23.01 -23.89
CA SER B 303 44.58 -24.46 -23.78
C SER B 303 43.34 -24.96 -24.54
N THR B 304 42.25 -24.19 -24.53
CA THR B 304 40.97 -24.59 -25.14
C THR B 304 40.45 -23.67 -26.25
N GLY B 305 41.01 -22.48 -26.38
CA GLY B 305 40.54 -21.47 -27.34
C GLY B 305 39.31 -20.70 -26.92
N GLU B 306 38.85 -20.88 -25.68
CA GLU B 306 37.69 -20.17 -25.15
C GLU B 306 38.09 -19.55 -23.83
N ALA B 307 37.98 -18.23 -23.75
CA ALA B 307 38.23 -17.51 -22.50
C ALA B 307 37.08 -17.75 -21.52
N LEU B 308 37.29 -17.39 -20.25
CA LEU B 308 36.30 -17.58 -19.21
C LEU B 308 35.34 -16.40 -19.18
N THR B 309 35.89 -15.19 -19.22
CA THR B 309 35.12 -13.94 -19.05
C THR B 309 35.51 -12.91 -20.11
N PRO B 310 35.30 -13.25 -21.40
CA PRO B 310 35.50 -12.22 -22.41
C PRO B 310 34.45 -11.12 -22.21
N VAL B 311 34.83 -9.91 -22.62
CA VAL B 311 33.92 -8.77 -22.60
C VAL B 311 32.92 -8.88 -23.73
N ALA B 312 31.80 -8.18 -23.58
CA ALA B 312 30.70 -8.24 -24.56
C ALA B 312 31.12 -7.87 -26.00
N GLU B 313 32.05 -6.92 -26.12
CA GLU B 313 32.53 -6.44 -27.40
C GLU B 313 33.43 -7.41 -28.16
N THR B 314 33.95 -8.44 -27.50
CA THR B 314 34.88 -9.43 -28.09
C THR B 314 34.49 -10.87 -27.76
N PRO B 315 33.37 -11.37 -28.35
CA PRO B 315 32.93 -12.76 -28.11
C PRO B 315 33.69 -13.71 -29.03
N PHE B 316 35.00 -13.77 -28.83
CA PHE B 316 35.89 -14.37 -29.81
C PHE B 316 36.36 -15.75 -29.36
N ARG B 317 36.77 -16.56 -30.34
CA ARG B 317 37.38 -17.87 -30.10
C ARG B 317 38.73 -17.87 -30.77
N ARG B 318 39.70 -18.56 -30.17
CA ARG B 318 41.07 -18.53 -30.67
C ARG B 318 41.22 -19.19 -32.02
N ARG B 319 41.92 -18.49 -32.94
CA ARG B 319 42.40 -19.08 -34.18
C ARG B 319 43.92 -19.09 -34.13
N ALA B 320 44.52 -20.28 -34.22
CA ALA B 320 45.98 -20.43 -34.19
C ALA B 320 46.46 -21.06 -35.49
N ARG C 4 -43.77 -42.66 -23.21
CA ARG C 4 -43.38 -41.32 -22.70
C ARG C 4 -43.31 -41.30 -21.19
N PRO C 5 -42.15 -40.91 -20.61
CA PRO C 5 -42.10 -40.85 -19.16
C PRO C 5 -43.06 -39.83 -18.57
N ARG C 6 -43.56 -40.13 -17.39
CA ARG C 6 -44.51 -39.31 -16.68
C ARG C 6 -43.82 -38.47 -15.64
N ILE C 7 -44.01 -37.16 -15.72
CA ILE C 7 -43.37 -36.21 -14.83
C ILE C 7 -44.44 -35.55 -13.94
N LEU C 8 -44.23 -35.65 -12.64
CA LEU C 8 -45.07 -35.01 -11.63
C LEU C 8 -44.62 -33.57 -11.43
N VAL C 9 -45.57 -32.64 -11.48
CA VAL C 9 -45.35 -31.25 -11.04
C VAL C 9 -46.27 -30.97 -9.86
N PRO C 10 -45.72 -30.94 -8.64
CA PRO C 10 -46.55 -30.63 -7.47
C PRO C 10 -46.60 -29.14 -7.18
N GLY C 11 -47.80 -28.58 -7.05
CA GLY C 11 -47.94 -27.17 -6.68
C GLY C 11 -47.59 -26.26 -7.84
N LYS C 12 -47.28 -25.01 -7.50
CA LYS C 12 -47.06 -23.99 -8.52
C LYS C 12 -45.69 -24.14 -9.16
N ILE C 13 -45.66 -23.93 -10.46
CA ILE C 13 -44.40 -23.75 -11.16
C ILE C 13 -44.60 -22.79 -12.32
N ASN C 14 -43.51 -22.19 -12.79
CA ASN C 14 -43.54 -21.30 -13.95
C ASN C 14 -44.21 -22.01 -15.12
N PRO C 15 -45.20 -21.37 -15.77
CA PRO C 15 -45.89 -22.07 -16.86
C PRO C 15 -44.99 -22.56 -17.99
N ARG C 16 -43.84 -21.93 -18.22
CA ARG C 16 -42.90 -22.35 -19.24
C ARG C 16 -42.44 -23.81 -19.05
N VAL C 17 -42.33 -24.24 -17.81
CA VAL C 17 -42.00 -25.65 -17.51
C VAL C 17 -43.12 -26.53 -18.07
N LEU C 18 -44.36 -26.18 -17.73
CA LEU C 18 -45.54 -26.95 -18.18
C LEU C 18 -45.68 -26.95 -19.70
N GLU C 19 -45.37 -25.82 -20.32
CA GLU C 19 -45.44 -25.65 -21.77
C GLU C 19 -44.47 -26.53 -22.53
N ARG C 20 -43.29 -26.80 -21.93
CA ARG C 20 -42.22 -27.53 -22.62
C ARG C 20 -42.12 -29.02 -22.28
N LEU C 21 -42.62 -29.43 -21.11
CA LEU C 21 -42.69 -30.86 -20.77
C LEU C 21 -43.27 -31.78 -21.85
N PRO C 22 -44.35 -31.35 -22.54
CA PRO C 22 -44.90 -32.20 -23.63
C PRO C 22 -43.99 -32.49 -24.83
N GLU C 23 -42.83 -31.84 -24.93
CA GLU C 23 -41.86 -32.16 -25.98
C GLU C 23 -41.41 -33.63 -25.91
N MET C 24 -41.43 -34.20 -24.71
CA MET C 24 -41.04 -35.60 -24.48
C MET C 24 -41.84 -36.39 -23.44
N PHE C 25 -42.63 -35.70 -22.61
CA PHE C 25 -43.20 -36.26 -21.40
C PHE C 25 -44.72 -36.16 -21.32
N GLU C 26 -45.31 -37.03 -20.52
CA GLU C 26 -46.67 -36.84 -20.05
C GLU C 26 -46.59 -36.15 -18.71
N THR C 27 -47.40 -35.12 -18.49
CA THR C 27 -47.37 -34.39 -17.22
C THR C 27 -48.49 -34.83 -16.29
N VAL C 28 -48.16 -34.95 -15.01
CA VAL C 28 -49.10 -35.23 -13.94
C VAL C 28 -49.05 -34.09 -12.94
N ARG C 29 -50.17 -33.41 -12.72
CA ARG C 29 -50.22 -32.31 -11.75
C ARG C 29 -50.91 -32.68 -10.46
N ILE C 30 -50.33 -32.25 -9.33
CA ILE C 30 -51.08 -32.19 -8.05
C ILE C 30 -51.04 -30.77 -7.47
N GLU C 31 -52.08 -30.41 -6.72
CA GLU C 31 -52.30 -29.03 -6.30
C GLU C 31 -51.31 -28.53 -5.24
N ARG C 32 -50.80 -29.43 -4.40
CA ARG C 32 -49.81 -29.11 -3.38
C ARG C 32 -48.79 -30.23 -3.35
N ALA C 33 -47.62 -29.93 -2.77
CA ALA C 33 -46.57 -30.93 -2.56
C ALA C 33 -46.93 -31.72 -1.30
N ASP C 34 -47.86 -32.66 -1.47
CA ASP C 34 -48.49 -33.37 -0.36
C ASP C 34 -48.76 -34.82 -0.79
N ALA C 35 -48.19 -35.77 -0.04
CA ALA C 35 -48.29 -37.19 -0.37
C ALA C 35 -49.74 -37.69 -0.36
N ALA C 36 -50.59 -37.05 0.44
CA ALA C 36 -52.03 -37.34 0.49
C ALA C 36 -52.75 -37.21 -0.85
N LEU C 37 -52.24 -36.36 -1.75
CA LEU C 37 -52.83 -36.17 -3.07
C LEU C 37 -52.38 -37.18 -4.14
N VAL C 38 -51.49 -38.11 -3.78
CA VAL C 38 -51.00 -39.08 -4.73
C VAL C 38 -52.01 -40.23 -4.81
N THR C 39 -52.48 -40.51 -6.02
CA THR C 39 -53.39 -41.62 -6.29
C THR C 39 -52.62 -42.80 -6.89
N ALA C 40 -53.23 -43.99 -6.82
CA ALA C 40 -52.60 -45.22 -7.33
C ALA C 40 -52.20 -45.13 -8.80
N ASP C 41 -52.99 -44.43 -9.60
CA ASP C 41 -52.69 -44.21 -11.02
C ASP C 41 -51.38 -43.43 -11.29
N MET C 42 -50.89 -42.72 -10.28
CA MET C 42 -49.65 -41.92 -10.40
C MET C 42 -48.36 -42.68 -10.05
N ARG C 43 -48.48 -43.94 -9.62
CA ARG C 43 -47.31 -44.69 -9.13
C ARG C 43 -46.26 -45.07 -10.20
N ASP C 44 -46.58 -44.87 -11.48
CA ASP C 44 -45.63 -45.04 -12.58
C ASP C 44 -44.80 -43.78 -12.93
N VAL C 45 -44.96 -42.71 -12.17
CA VAL C 45 -44.20 -41.49 -12.36
C VAL C 45 -42.69 -41.74 -12.27
N SER C 46 -41.94 -41.20 -13.23
CA SER C 46 -40.48 -41.41 -13.34
C SER C 46 -39.63 -40.17 -13.01
N GLY C 47 -40.26 -38.99 -12.94
CA GLY C 47 -39.53 -37.77 -12.66
C GLY C 47 -40.43 -36.76 -11.96
N ILE C 48 -39.80 -35.80 -11.29
CA ILE C 48 -40.48 -34.67 -10.67
C ILE C 48 -39.81 -33.40 -11.12
N ALA C 49 -40.61 -32.41 -11.50
CA ALA C 49 -40.15 -31.01 -11.62
C ALA C 49 -40.81 -30.21 -10.53
N VAL C 50 -40.02 -29.55 -9.70
CA VAL C 50 -40.51 -28.89 -8.48
C VAL C 50 -39.87 -27.53 -8.21
N SER C 51 -40.72 -26.57 -7.83
CA SER C 51 -40.27 -25.33 -7.26
C SER C 51 -40.73 -25.28 -5.80
N GLY C 52 -39.77 -25.22 -4.90
CA GLY C 52 -40.06 -25.15 -3.47
C GLY C 52 -39.78 -26.51 -2.83
N LYS C 53 -40.42 -26.74 -1.69
CA LYS C 53 -40.13 -27.91 -0.88
C LYS C 53 -40.68 -29.19 -1.52
N LEU C 54 -39.92 -30.27 -1.39
CA LEU C 54 -40.37 -31.61 -1.78
C LEU C 54 -40.28 -32.48 -0.56
N PRO C 55 -41.40 -32.65 0.18
CA PRO C 55 -41.34 -33.47 1.40
C PRO C 55 -40.97 -34.91 1.09
N VAL C 56 -40.19 -35.53 1.98
CA VAL C 56 -39.75 -36.93 1.81
C VAL C 56 -40.92 -37.92 1.58
N PRO C 57 -42.04 -37.79 2.34
CA PRO C 57 -43.15 -38.71 2.10
C PRO C 57 -43.73 -38.63 0.67
N LEU C 58 -43.71 -37.44 0.08
CA LEU C 58 -44.12 -37.28 -1.33
C LEU C 58 -43.10 -37.92 -2.26
N MET C 59 -41.82 -37.66 -2.03
CA MET C 59 -40.77 -38.24 -2.84
C MET C 59 -40.81 -39.78 -2.78
N ASP C 60 -41.03 -40.31 -1.57
CA ASP C 60 -41.09 -41.76 -1.35
C ASP C 60 -42.41 -42.45 -1.72
N ALA C 61 -43.40 -41.68 -2.17
CA ALA C 61 -44.64 -42.23 -2.74
C ALA C 61 -44.47 -42.80 -4.16
N PHE C 62 -43.30 -42.56 -4.79
CA PHE C 62 -43.05 -42.93 -6.18
C PHE C 62 -41.91 -43.95 -6.29
N PRO C 63 -42.26 -45.24 -6.37
CA PRO C 63 -41.22 -46.27 -6.41
C PRO C 63 -40.35 -46.26 -7.69
N SER C 64 -40.86 -45.74 -8.80
CA SER C 64 -40.11 -45.66 -10.07
C SER C 64 -39.39 -44.30 -10.31
N LEU C 65 -39.30 -43.47 -9.27
CA LEU C 65 -38.74 -42.14 -9.43
C LEU C 65 -37.26 -42.26 -9.76
N GLU C 66 -36.82 -41.55 -10.80
CA GLU C 66 -35.40 -41.52 -11.21
C GLU C 66 -34.69 -40.19 -10.99
N ILE C 67 -35.45 -39.08 -11.04
CA ILE C 67 -34.87 -37.74 -11.13
C ILE C 67 -35.82 -36.72 -10.50
N VAL C 68 -35.24 -35.84 -9.68
CA VAL C 68 -35.92 -34.62 -9.24
C VAL C 68 -35.19 -33.42 -9.85
N ALA C 69 -35.92 -32.68 -10.68
CA ALA C 69 -35.39 -31.47 -11.33
C ALA C 69 -35.90 -30.27 -10.55
N ASN C 70 -35.01 -29.71 -9.75
CA ASN C 70 -35.31 -28.54 -8.90
C ASN C 70 -35.23 -27.22 -9.70
N PHE C 71 -36.27 -26.40 -9.56
CA PHE C 71 -36.32 -25.05 -10.10
C PHE C 71 -35.67 -24.10 -9.09
N GLY C 72 -34.46 -23.64 -9.41
CA GLY C 72 -33.63 -22.89 -8.45
C GLY C 72 -32.25 -23.49 -8.30
N VAL C 73 -31.28 -22.64 -7.98
CA VAL C 73 -29.90 -23.12 -7.74
C VAL C 73 -29.76 -23.70 -6.33
N GLY C 74 -30.42 -23.11 -5.36
CA GLY C 74 -30.56 -23.70 -4.03
C GLY C 74 -31.51 -24.89 -4.09
N TYR C 75 -31.15 -26.00 -3.45
CA TYR C 75 -31.98 -27.20 -3.46
C TYR C 75 -32.19 -27.80 -2.06
N ASP C 76 -32.14 -26.92 -1.05
CA ASP C 76 -32.33 -27.33 0.34
C ASP C 76 -33.75 -27.85 0.66
N GLY C 77 -34.74 -27.53 -0.19
CA GLY C 77 -36.09 -28.08 -0.10
C GLY C 77 -36.23 -29.53 -0.54
N VAL C 78 -35.17 -30.09 -1.11
CA VAL C 78 -35.10 -31.49 -1.47
C VAL C 78 -34.16 -32.19 -0.49
N ASP C 79 -34.59 -33.35 0.02
CA ASP C 79 -33.74 -34.17 0.90
C ASP C 79 -32.78 -34.96 0.03
N VAL C 80 -31.64 -34.35 -0.28
CA VAL C 80 -30.67 -34.93 -1.22
C VAL C 80 -30.01 -36.17 -0.66
N SER C 81 -29.92 -36.26 0.67
CA SER C 81 -29.35 -37.45 1.31
C SER C 81 -30.25 -38.66 1.06
N ARG C 82 -31.56 -38.47 1.22
CA ARG C 82 -32.54 -39.53 0.92
C ARG C 82 -32.58 -39.86 -0.57
N ALA C 83 -32.52 -38.84 -1.43
CA ALA C 83 -32.47 -39.05 -2.88
C ALA C 83 -31.25 -39.87 -3.24
N ALA C 84 -30.09 -39.48 -2.72
CA ALA C 84 -28.84 -40.23 -2.99
C ALA C 84 -28.96 -41.69 -2.53
N ALA C 85 -29.50 -41.92 -1.33
CA ALA C 85 -29.69 -43.27 -0.80
C ALA C 85 -30.61 -44.15 -1.66
N ARG C 86 -31.55 -43.52 -2.35
CA ARG C 86 -32.45 -44.18 -3.31
C ARG C 86 -31.92 -44.23 -4.76
N GLY C 87 -30.72 -43.67 -5.00
CA GLY C 87 -30.15 -43.58 -6.35
C GLY C 87 -30.86 -42.66 -7.31
N ILE C 88 -31.53 -41.66 -6.75
CA ILE C 88 -32.30 -40.66 -7.49
C ILE C 88 -31.39 -39.45 -7.74
N VAL C 89 -31.24 -39.06 -9.00
CA VAL C 89 -30.45 -37.87 -9.33
C VAL C 89 -31.28 -36.63 -9.04
N VAL C 90 -30.58 -35.59 -8.57
CA VAL C 90 -31.19 -34.31 -8.30
C VAL C 90 -30.46 -33.28 -9.16
N THR C 91 -31.22 -32.47 -9.89
CA THR C 91 -30.66 -31.36 -10.71
C THR C 91 -31.15 -30.01 -10.19
N ASN C 92 -30.34 -28.99 -10.42
CA ASN C 92 -30.70 -27.62 -10.02
C ASN C 92 -30.50 -26.70 -11.23
N THR C 93 -30.61 -25.39 -11.00
CA THR C 93 -30.50 -24.42 -12.10
C THR C 93 -29.41 -23.39 -11.78
N PRO C 94 -28.13 -23.83 -11.77
CA PRO C 94 -27.05 -22.87 -11.60
C PRO C 94 -26.78 -22.07 -12.86
N ASP C 95 -25.99 -20.99 -12.71
CA ASP C 95 -25.41 -20.22 -13.81
C ASP C 95 -26.37 -19.29 -14.57
N VAL C 96 -27.52 -19.82 -14.98
CA VAL C 96 -28.51 -19.05 -15.76
C VAL C 96 -29.15 -17.89 -14.98
N LEU C 97 -29.01 -17.91 -13.65
CA LEU C 97 -29.56 -16.85 -12.79
C LEU C 97 -28.45 -16.03 -12.10
N THR C 98 -27.17 -16.36 -12.34
CA THR C 98 -26.07 -15.78 -11.54
C THR C 98 -26.03 -14.26 -11.63
N GLU C 99 -26.02 -13.77 -12.85
CA GLU C 99 -25.92 -12.32 -13.09
C GLU C 99 -27.18 -11.57 -12.62
N GLU C 100 -28.36 -12.18 -12.78
CA GLU C 100 -29.61 -11.58 -12.33
C GLU C 100 -29.63 -11.43 -10.80
N VAL C 101 -29.22 -12.46 -10.09
CA VAL C 101 -29.23 -12.42 -8.64
C VAL C 101 -28.20 -11.40 -8.14
N ALA C 102 -27.04 -11.36 -8.77
CA ALA C 102 -25.99 -10.42 -8.38
C ALA C 102 -26.50 -8.97 -8.57
N ASP C 103 -27.25 -8.74 -9.64
CA ASP C 103 -27.90 -7.41 -9.89
C ASP C 103 -28.84 -7.02 -8.76
N THR C 104 -29.71 -7.95 -8.38
CA THR C 104 -30.67 -7.73 -7.32
C THR C 104 -29.98 -7.42 -5.99
N ALA C 105 -28.90 -8.15 -5.72
CA ALA C 105 -28.14 -7.93 -4.49
C ALA C 105 -27.61 -6.51 -4.39
N ILE C 106 -27.07 -6.01 -5.48
CA ILE C 106 -26.60 -4.62 -5.54
C ILE C 106 -27.77 -3.65 -5.38
N GLY C 107 -28.87 -3.88 -6.06
CA GLY C 107 -30.07 -3.01 -5.91
C GLY C 107 -30.55 -2.98 -4.46
N LEU C 108 -30.62 -4.14 -3.82
CA LEU C 108 -31.02 -4.24 -2.44
C LEU C 108 -30.06 -3.48 -1.51
N LEU C 109 -28.76 -3.65 -1.75
CA LEU C 109 -27.75 -2.92 -0.98
C LEU C 109 -27.96 -1.40 -1.12
N LEU C 110 -28.12 -0.91 -2.33
CA LEU C 110 -28.31 0.52 -2.57
C LEU C 110 -29.61 1.04 -1.95
N ASN C 111 -30.70 0.27 -2.07
CA ASN C 111 -31.98 0.65 -1.47
C ASN C 111 -31.90 0.69 0.04
N THR C 112 -31.15 -0.24 0.64
CA THR C 112 -30.93 -0.29 2.07
C THR C 112 -30.15 0.93 2.58
N LEU C 113 -29.11 1.29 1.86
CA LEU C 113 -28.21 2.38 2.27
C LEU C 113 -28.80 3.78 2.02
N ARG C 114 -29.41 3.96 0.85
CA ARG C 114 -29.85 5.26 0.40
C ARG C 114 -31.37 5.49 0.53
N LEU C 115 -32.12 4.46 0.98
CA LEU C 115 -33.56 4.59 1.25
C LEU C 115 -34.38 4.98 0.02
N LEU C 116 -33.97 4.52 -1.16
CA LEU C 116 -34.60 4.91 -2.40
C LEU C 116 -36.08 4.54 -2.47
N PRO C 117 -36.46 3.34 -2.00
CA PRO C 117 -37.91 3.06 -2.00
C PRO C 117 -38.72 4.02 -1.12
N GLN C 118 -38.17 4.42 0.03
CA GLN C 118 -38.81 5.37 0.90
C GLN C 118 -38.87 6.77 0.28
N ALA C 119 -37.82 7.15 -0.44
CA ALA C 119 -37.80 8.41 -1.12
C ALA C 119 -38.89 8.49 -2.22
N GLU C 120 -39.04 7.39 -2.96
CA GLU C 120 -40.10 7.29 -3.97
C GLU C 120 -41.52 7.39 -3.32
N GLN C 121 -41.71 6.72 -2.19
CA GLN C 121 -42.94 6.86 -1.42
C GLN C 121 -43.24 8.30 -0.99
N TRP C 122 -42.20 9.00 -0.51
CA TRP C 122 -42.32 10.41 -0.14
C TRP C 122 -42.88 11.23 -1.30
N LEU C 123 -42.30 11.09 -2.49
CA LEU C 123 -42.79 11.74 -3.71
C LEU C 123 -44.21 11.32 -4.06
N ARG C 124 -44.46 10.02 -4.13
CA ARG C 124 -45.78 9.52 -4.57
C ARG C 124 -46.92 9.88 -3.61
N GLN C 125 -46.58 10.07 -2.34
CA GLN C 125 -47.57 10.50 -1.34
C GLN C 125 -47.81 12.01 -1.28
N GLY C 126 -47.13 12.79 -2.12
CA GLY C 126 -47.29 14.24 -2.20
C GLY C 126 -46.45 15.08 -1.25
N ARG C 127 -45.56 14.42 -0.53
CA ARG C 127 -44.79 15.06 0.55
C ARG C 127 -43.71 16.05 0.09
N TRP C 128 -43.21 15.85 -1.14
CA TRP C 128 -42.22 16.77 -1.71
C TRP C 128 -42.75 18.20 -1.78
N VAL C 129 -44.03 18.34 -2.10
CA VAL C 129 -44.68 19.62 -2.24
C VAL C 129 -44.75 20.43 -0.92
N ARG C 130 -45.36 19.83 0.09
CA ARG C 130 -45.59 20.64 1.33
C ARG C 130 -44.49 20.44 2.35
N GLU C 131 -43.94 19.24 2.44
CA GLU C 131 -42.89 18.99 3.48
C GLU C 131 -41.45 19.24 3.02
N GLY C 132 -41.25 19.35 1.71
CA GLY C 132 -39.95 19.66 1.14
C GLY C 132 -39.19 18.40 0.84
N ALA C 133 -37.88 18.52 0.89
CA ALA C 133 -37.00 17.41 0.50
C ALA C 133 -37.16 16.21 1.42
N PHE C 134 -37.00 15.03 0.83
CA PHE C 134 -36.88 13.80 1.59
C PHE C 134 -35.64 13.94 2.49
N PRO C 135 -35.73 13.49 3.77
CA PRO C 135 -34.59 13.59 4.66
C PRO C 135 -33.34 12.95 4.06
N LEU C 136 -32.18 13.48 4.45
CA LEU C 136 -30.92 12.92 3.93
C LEU C 136 -30.76 11.50 4.50
N SER C 137 -30.26 10.57 3.68
CA SER C 137 -29.99 9.21 4.17
C SER C 137 -28.81 9.20 5.16
N PRO C 138 -28.99 8.62 6.37
CA PRO C 138 -27.86 8.54 7.31
C PRO C 138 -26.69 7.72 6.81
N LEU C 139 -26.97 6.75 5.96
CA LEU C 139 -25.97 5.85 5.41
C LEU C 139 -25.66 6.14 3.93
N SER C 140 -24.58 5.52 3.47
CA SER C 140 -24.09 5.63 2.11
C SER C 140 -23.18 4.44 1.80
N LEU C 141 -22.99 4.12 0.52
CA LEU C 141 -21.97 3.13 0.14
C LEU C 141 -20.54 3.70 0.26
N ARG C 142 -20.42 5.02 0.16
CA ARG C 142 -19.12 5.69 0.15
C ARG C 142 -18.33 5.35 1.43
N GLY C 143 -17.12 4.87 1.23
CA GLY C 143 -16.21 4.55 2.31
C GLY C 143 -16.39 3.21 2.98
N ARG C 144 -17.35 2.40 2.51
CA ARG C 144 -17.67 1.11 3.16
C ARG C 144 -16.69 0.04 2.79
N THR C 145 -16.67 -0.99 3.62
CA THR C 145 -15.85 -2.16 3.44
C THR C 145 -16.78 -3.34 3.48
N VAL C 146 -16.75 -4.16 2.44
CA VAL C 146 -17.75 -5.17 2.24
C VAL C 146 -17.14 -6.54 2.46
N GLY C 147 -17.85 -7.38 3.23
CA GLY C 147 -17.47 -8.77 3.42
C GLY C 147 -18.50 -9.68 2.80
N LEU C 148 -18.09 -10.54 1.87
CA LEU C 148 -18.97 -11.54 1.26
C LEU C 148 -18.86 -12.87 2.01
N PHE C 149 -19.94 -13.27 2.67
CA PHE C 149 -20.10 -14.62 3.22
C PHE C 149 -20.62 -15.52 2.09
N GLY C 150 -19.69 -16.31 1.52
CA GLY C 150 -19.91 -17.04 0.26
C GLY C 150 -19.25 -16.27 -0.88
N LEU C 151 -18.48 -16.98 -1.70
CA LEU C 151 -17.83 -16.39 -2.88
C LEU C 151 -17.83 -17.43 -4.01
N GLY C 152 -19.02 -17.96 -4.25
CA GLY C 152 -19.27 -18.95 -5.28
C GLY C 152 -19.65 -18.28 -6.59
N ARG C 153 -20.50 -18.95 -7.35
CA ARG C 153 -20.95 -18.40 -8.62
C ARG C 153 -21.51 -16.97 -8.42
N ILE C 154 -22.43 -16.87 -7.48
CA ILE C 154 -23.14 -15.59 -7.24
C ILE C 154 -22.29 -14.62 -6.41
N GLY C 155 -21.66 -15.11 -5.33
CA GLY C 155 -20.78 -14.23 -4.53
C GLY C 155 -19.69 -13.55 -5.35
N LEU C 156 -19.03 -14.30 -6.23
CA LEU C 156 -18.00 -13.71 -7.08
C LEU C 156 -18.59 -12.66 -8.04
N ALA C 157 -19.77 -12.92 -8.59
CA ALA C 157 -20.46 -11.96 -9.46
C ALA C 157 -20.80 -10.65 -8.71
N ILE C 158 -21.22 -10.78 -7.47
CA ILE C 158 -21.43 -9.61 -6.57
C ILE C 158 -20.14 -8.85 -6.34
N ALA C 159 -19.07 -9.58 -5.99
CA ALA C 159 -17.75 -8.96 -5.80
C ALA C 159 -17.27 -8.19 -7.04
N ARG C 160 -17.45 -8.75 -8.24
CA ARG C 160 -17.04 -8.08 -9.47
C ARG C 160 -17.76 -6.75 -9.65
N ARG C 161 -19.06 -6.74 -9.34
CA ARG C 161 -19.82 -5.49 -9.35
C ARG C 161 -19.25 -4.48 -8.37
N LEU C 162 -19.07 -4.93 -7.13
CA LEU C 162 -18.58 -4.05 -6.05
C LEU C 162 -17.19 -3.48 -6.29
N GLU C 163 -16.32 -4.21 -7.00
CA GLU C 163 -15.01 -3.67 -7.42
C GLU C 163 -15.14 -2.31 -8.14
N ALA C 164 -16.19 -2.16 -8.94
CA ALA C 164 -16.42 -0.91 -9.71
C ALA C 164 -17.01 0.23 -8.89
N PHE C 165 -17.46 -0.04 -7.66
CA PHE C 165 -18.02 0.97 -6.74
C PHE C 165 -17.00 1.60 -5.80
N GLY C 166 -15.72 1.19 -5.91
CA GLY C 166 -14.66 1.79 -5.10
C GLY C 166 -14.72 1.50 -3.61
N VAL C 167 -15.18 0.30 -3.26
CA VAL C 167 -15.20 -0.17 -1.87
C VAL C 167 -14.21 -1.34 -1.71
N SER C 168 -13.65 -1.46 -0.52
CA SER C 168 -12.82 -2.63 -0.17
C SER C 168 -13.66 -3.90 -0.14
N ILE C 169 -13.09 -5.02 -0.58
CA ILE C 169 -13.80 -6.31 -0.62
C ILE C 169 -13.02 -7.43 0.10
N ALA C 170 -13.73 -8.11 1.02
CA ALA C 170 -13.20 -9.31 1.69
C ALA C 170 -14.21 -10.44 1.58
N TYR C 171 -13.79 -11.65 1.92
CA TYR C 171 -14.72 -12.78 1.82
C TYR C 171 -14.37 -13.87 2.81
N HIS C 172 -15.40 -14.66 3.13
CA HIS C 172 -15.28 -15.84 3.99
C HIS C 172 -15.97 -17.02 3.35
N THR C 173 -15.20 -18.10 3.20
CA THR C 173 -15.64 -19.37 2.65
C THR C 173 -14.85 -20.43 3.46
N ARG C 174 -15.24 -21.70 3.38
CA ARG C 174 -14.49 -22.74 4.10
C ARG C 174 -13.08 -22.96 3.51
N THR C 175 -12.97 -22.82 2.18
CA THR C 175 -11.71 -22.95 1.46
C THR C 175 -11.48 -21.66 0.66
N PRO C 176 -10.29 -21.03 0.78
CA PRO C 176 -9.95 -19.85 -0.03
C PRO C 176 -9.99 -20.12 -1.54
N ARG C 177 -10.36 -19.10 -2.30
CA ARG C 177 -10.25 -19.08 -3.75
C ARG C 177 -9.10 -18.16 -4.12
N GLU C 178 -7.91 -18.73 -4.25
CA GLU C 178 -6.71 -18.00 -4.63
C GLU C 178 -6.73 -17.65 -6.12
N GLY C 179 -6.03 -16.58 -6.47
CA GLY C 179 -6.05 -16.03 -7.83
C GLY C 179 -6.82 -14.72 -7.91
N LEU C 180 -7.70 -14.50 -6.95
CA LEU C 180 -8.49 -13.28 -6.87
C LEU C 180 -7.74 -12.33 -5.95
N GLY C 181 -7.98 -11.03 -6.11
CA GLY C 181 -7.35 -10.01 -5.29
C GLY C 181 -8.11 -9.63 -4.02
N PHE C 182 -8.96 -10.52 -3.51
CA PHE C 182 -9.79 -10.23 -2.34
C PHE C 182 -9.17 -10.84 -1.10
N THR C 183 -9.35 -10.17 0.04
CA THR C 183 -8.86 -10.62 1.35
C THR C 183 -9.71 -11.75 1.91
N TYR C 184 -9.08 -12.90 2.14
CA TYR C 184 -9.74 -14.04 2.77
C TYR C 184 -9.71 -13.94 4.29
N HIS C 185 -10.82 -14.29 4.91
CA HIS C 185 -10.95 -14.46 6.36
C HIS C 185 -11.35 -15.88 6.66
N PRO C 186 -10.57 -16.58 7.51
CA PRO C 186 -10.89 -17.96 7.82
C PRO C 186 -12.08 -18.16 8.75
N THR C 187 -12.56 -17.10 9.42
CA THR C 187 -13.76 -17.17 10.24
C THR C 187 -14.74 -16.07 9.85
N LEU C 188 -16.02 -16.35 10.07
CA LEU C 188 -17.08 -15.38 9.76
C LEU C 188 -17.00 -14.19 10.72
N VAL C 189 -16.84 -14.46 12.01
CA VAL C 189 -16.79 -13.38 13.02
C VAL C 189 -15.57 -12.47 12.81
N GLY C 190 -14.44 -13.04 12.37
CA GLY C 190 -13.25 -12.26 12.02
C GLY C 190 -13.49 -11.32 10.87
N MET C 191 -14.17 -11.80 9.83
CA MET C 191 -14.55 -10.92 8.72
C MET C 191 -15.49 -9.82 9.21
N ALA C 192 -16.50 -10.19 10.00
CA ALA C 192 -17.49 -9.23 10.50
C ALA C 192 -16.82 -8.11 11.29
N GLU C 193 -15.84 -8.45 12.14
CA GLU C 193 -15.05 -7.45 12.84
C GLU C 193 -14.43 -6.41 11.89
N ALA C 194 -13.80 -6.92 10.83
CA ALA C 194 -13.02 -6.14 9.86
C ALA C 194 -13.85 -5.29 8.88
N VAL C 195 -15.11 -5.65 8.67
CA VAL C 195 -15.95 -4.97 7.66
C VAL C 195 -17.10 -4.23 8.31
N ASP C 196 -17.79 -3.39 7.55
CA ASP C 196 -19.02 -2.76 8.05
C ASP C 196 -20.26 -3.11 7.21
N THR C 197 -20.09 -3.98 6.22
CA THR C 197 -21.18 -4.33 5.29
C THR C 197 -21.01 -5.83 5.04
N LEU C 198 -22.02 -6.62 5.42
CA LEU C 198 -21.94 -8.09 5.31
C LEU C 198 -23.01 -8.57 4.31
N ILE C 199 -22.58 -9.21 3.23
CA ILE C 199 -23.51 -9.74 2.21
C ILE C 199 -23.49 -11.27 2.31
N VAL C 200 -24.67 -11.84 2.54
CA VAL C 200 -24.83 -13.31 2.74
C VAL C 200 -25.31 -13.97 1.45
N ILE C 201 -24.54 -14.93 0.97
CA ILE C 201 -24.81 -15.62 -0.28
C ILE C 201 -24.21 -17.03 -0.24
N VAL C 202 -24.55 -17.74 0.85
CA VAL C 202 -24.21 -19.15 1.02
C VAL C 202 -25.48 -20.01 0.92
N PRO C 203 -25.32 -21.31 0.65
CA PRO C 203 -26.49 -22.18 0.65
C PRO C 203 -27.03 -22.39 2.05
N GLY C 204 -28.27 -22.86 2.11
CA GLY C 204 -28.94 -23.19 3.37
C GLY C 204 -28.66 -24.61 3.75
N THR C 205 -27.60 -24.82 4.53
CA THR C 205 -27.22 -26.15 5.00
C THR C 205 -27.04 -26.16 6.53
N ALA C 206 -26.86 -27.34 7.09
CA ALA C 206 -26.56 -27.46 8.51
C ALA C 206 -25.36 -26.58 8.95
N SER C 207 -24.34 -26.46 8.10
CA SER C 207 -23.15 -25.66 8.45
C SER C 207 -23.37 -24.16 8.43
N THR C 208 -24.39 -23.69 7.70
CA THR C 208 -24.71 -22.26 7.68
C THR C 208 -25.90 -21.87 8.54
N LEU C 209 -26.56 -22.85 9.17
CA LEU C 209 -27.74 -22.57 10.01
C LEU C 209 -27.45 -21.58 11.15
N LYS C 210 -28.12 -20.44 11.12
CA LYS C 210 -27.93 -19.33 12.07
C LYS C 210 -26.47 -18.91 12.27
N ALA C 211 -25.68 -18.98 11.19
CA ALA C 211 -24.28 -18.57 11.24
C ALA C 211 -24.20 -17.08 11.53
N VAL C 212 -25.12 -16.30 10.93
CA VAL C 212 -25.20 -14.87 11.26
C VAL C 212 -26.04 -14.71 12.52
N ASN C 213 -25.33 -14.72 13.66
CA ASN C 213 -25.90 -14.75 14.99
C ASN C 213 -25.56 -13.46 15.73
N ALA C 214 -25.98 -13.35 16.98
CA ALA C 214 -25.70 -12.17 17.80
C ALA C 214 -24.21 -11.77 17.85
N ASP C 215 -23.31 -12.75 17.95
CA ASP C 215 -21.86 -12.45 17.97
C ASP C 215 -21.36 -11.84 16.66
N VAL C 216 -21.84 -12.38 15.55
CA VAL C 216 -21.47 -11.86 14.22
C VAL C 216 -22.03 -10.45 14.05
N LEU C 217 -23.26 -10.22 14.49
CA LEU C 217 -23.88 -8.89 14.36
C LEU C 217 -23.18 -7.86 15.24
N SER C 218 -22.84 -8.24 16.47
CA SER C 218 -22.08 -7.37 17.35
C SER C 218 -20.70 -6.99 16.74
N ALA C 219 -20.03 -7.96 16.13
CA ALA C 219 -18.74 -7.75 15.46
C ALA C 219 -18.84 -6.82 14.23
N LEU C 220 -19.93 -7.00 13.49
CA LEU C 220 -20.22 -6.17 12.33
C LEU C 220 -20.17 -4.70 12.73
N GLY C 221 -20.88 -4.38 13.82
CA GLY C 221 -20.74 -3.12 14.52
C GLY C 221 -21.80 -2.07 14.25
N PRO C 222 -21.69 -0.89 14.89
CA PRO C 222 -22.75 0.13 14.83
C PRO C 222 -22.95 0.87 13.49
N LYS C 223 -22.01 0.75 12.55
CA LYS C 223 -22.26 1.22 11.17
C LYS C 223 -22.70 0.05 10.28
N GLY C 224 -22.96 -1.10 10.90
CA GLY C 224 -23.08 -2.36 10.22
C GLY C 224 -24.35 -2.45 9.39
N VAL C 225 -24.21 -2.92 8.16
CA VAL C 225 -25.36 -3.25 7.31
C VAL C 225 -25.29 -4.71 6.86
N LEU C 226 -26.38 -5.46 7.11
CA LEU C 226 -26.54 -6.84 6.69
C LEU C 226 -27.42 -6.95 5.45
N ILE C 227 -26.95 -7.62 4.41
CA ILE C 227 -27.74 -7.90 3.22
C ILE C 227 -27.84 -9.43 3.08
N ASN C 228 -29.05 -9.98 3.04
CA ASN C 228 -29.20 -11.44 2.85
C ASN C 228 -29.96 -11.72 1.57
N VAL C 229 -29.24 -12.32 0.61
CA VAL C 229 -29.81 -12.84 -0.64
C VAL C 229 -29.60 -14.34 -0.80
N GLY C 230 -29.20 -15.02 0.27
CA GLY C 230 -28.93 -16.45 0.24
C GLY C 230 -30.14 -17.25 0.70
N ARG C 231 -30.13 -17.65 1.96
CA ARG C 231 -31.24 -18.32 2.61
C ARG C 231 -31.54 -17.70 3.96
N GLY C 232 -32.84 -17.56 4.28
CA GLY C 232 -33.28 -17.06 5.57
C GLY C 232 -32.78 -17.84 6.78
N SER C 233 -32.65 -19.17 6.63
CA SER C 233 -32.09 -20.03 7.67
C SER C 233 -30.70 -19.62 8.20
N THR C 234 -29.90 -18.97 7.35
CA THR C 234 -28.52 -18.59 7.68
C THR C 234 -28.44 -17.44 8.70
N VAL C 235 -29.50 -16.63 8.80
CA VAL C 235 -29.56 -15.53 9.74
C VAL C 235 -30.46 -15.90 10.92
N ASP C 236 -29.97 -15.65 12.13
CA ASP C 236 -30.76 -15.78 13.34
C ASP C 236 -31.67 -14.55 13.37
N GLU C 237 -32.90 -14.76 12.95
CA GLU C 237 -33.82 -13.66 12.65
C GLU C 237 -34.23 -12.91 13.92
N ALA C 238 -34.45 -13.64 15.01
CA ALA C 238 -34.69 -13.00 16.31
C ALA C 238 -33.50 -12.15 16.79
N ALA C 239 -32.28 -12.65 16.62
CA ALA C 239 -31.09 -11.88 16.97
C ALA C 239 -30.94 -10.61 16.11
N LEU C 240 -31.36 -10.70 14.85
CA LEU C 240 -31.30 -9.56 13.93
C LEU C 240 -32.27 -8.47 14.40
N VAL C 241 -33.50 -8.86 14.76
CA VAL C 241 -34.48 -7.91 15.25
C VAL C 241 -33.96 -7.19 16.50
N THR C 242 -33.36 -7.95 17.41
CA THR C 242 -32.78 -7.38 18.62
C THR C 242 -31.66 -6.36 18.30
N ALA C 243 -30.76 -6.75 17.41
CA ALA C 243 -29.64 -5.89 17.01
C ALA C 243 -30.13 -4.58 16.37
N LEU C 244 -31.14 -4.68 15.49
CA LEU C 244 -31.75 -3.48 14.90
C LEU C 244 -32.44 -2.60 15.94
N GLN C 245 -33.20 -3.22 16.85
CA GLN C 245 -33.92 -2.50 17.90
C GLN C 245 -32.98 -1.69 18.79
N ASN C 246 -31.87 -2.31 19.20
CA ASN C 246 -30.88 -1.71 20.11
C ASN C 246 -29.86 -0.78 19.44
N GLY C 247 -29.86 -0.69 18.11
CA GLY C 247 -28.83 0.07 17.41
C GLY C 247 -27.46 -0.60 17.38
N THR C 248 -27.42 -1.91 17.64
CA THR C 248 -26.20 -2.73 17.52
C THR C 248 -25.64 -2.66 16.10
N ILE C 249 -26.54 -2.73 15.12
CA ILE C 249 -26.23 -2.53 13.69
C ILE C 249 -27.09 -1.38 13.13
N ALA C 250 -26.70 -0.86 11.98
CA ALA C 250 -27.31 0.34 11.41
C ALA C 250 -28.41 0.08 10.40
N GLY C 251 -28.49 -1.11 9.82
CA GLY C 251 -29.51 -1.35 8.78
C GLY C 251 -29.43 -2.76 8.22
N ALA C 252 -30.46 -3.15 7.47
CA ALA C 252 -30.49 -4.45 6.85
C ALA C 252 -31.36 -4.46 5.63
N GLY C 253 -30.99 -5.29 4.65
CA GLY C 253 -31.80 -5.55 3.45
C GLY C 253 -31.92 -7.03 3.27
N LEU C 254 -33.16 -7.53 3.20
CA LEU C 254 -33.41 -8.98 3.19
C LEU C 254 -34.33 -9.38 2.04
N ASP C 255 -33.89 -10.35 1.25
CA ASP C 255 -34.69 -10.97 0.18
C ASP C 255 -35.30 -12.32 0.62
N VAL C 256 -34.80 -12.87 1.71
CA VAL C 256 -35.12 -14.22 2.18
C VAL C 256 -35.29 -14.21 3.69
N PHE C 257 -36.06 -15.18 4.21
CA PHE C 257 -36.54 -15.17 5.58
C PHE C 257 -36.66 -16.61 6.09
N GLU C 258 -36.71 -16.74 7.39
CA GLU C 258 -36.81 -18.06 8.06
C GLU C 258 -38.03 -18.88 7.68
N ASN C 259 -39.18 -18.23 7.55
CA ASN C 259 -40.45 -18.94 7.32
C ASN C 259 -41.32 -18.17 6.33
N GLU C 260 -40.81 -18.10 5.10
CA GLU C 260 -41.49 -17.41 3.98
C GLU C 260 -42.86 -18.03 3.75
N PRO C 261 -43.90 -17.24 3.44
CA PRO C 261 -43.85 -15.79 3.20
C PRO C 261 -44.03 -14.90 4.45
N ASN C 262 -43.87 -15.45 5.64
CA ASN C 262 -44.10 -14.73 6.88
C ASN C 262 -42.85 -13.96 7.25
N VAL C 263 -43.05 -12.67 7.49
CA VAL C 263 -41.99 -11.76 7.94
C VAL C 263 -42.43 -11.23 9.30
N PRO C 264 -41.56 -11.31 10.32
CA PRO C 264 -41.95 -10.80 11.66
C PRO C 264 -42.37 -9.33 11.62
N GLU C 265 -43.45 -9.02 12.33
CA GLU C 265 -44.01 -7.65 12.41
C GLU C 265 -42.95 -6.63 12.80
N ALA C 266 -42.06 -7.01 13.72
CA ALA C 266 -40.99 -6.13 14.19
C ALA C 266 -40.10 -5.68 13.04
N LEU C 267 -39.76 -6.60 12.14
CA LEU C 267 -38.92 -6.24 10.98
C LEU C 267 -39.59 -5.20 10.07
N LEU C 268 -40.91 -5.25 9.98
CA LEU C 268 -41.66 -4.27 9.20
C LEU C 268 -41.67 -2.83 9.77
N SER C 269 -41.38 -2.68 11.07
CA SER C 269 -41.46 -1.38 11.74
C SER C 269 -40.23 -0.48 11.59
N PHE C 270 -39.09 -1.05 11.24
CA PHE C 270 -37.82 -0.33 11.24
C PHE C 270 -37.66 0.53 9.96
N PRO C 271 -37.36 1.82 10.14
CA PRO C 271 -37.15 2.66 8.95
C PRO C 271 -35.80 2.47 8.24
N ASN C 272 -34.91 1.65 8.80
CA ASN C 272 -33.57 1.38 8.25
C ASN C 272 -33.44 -0.02 7.60
N VAL C 273 -34.58 -0.60 7.21
CA VAL C 273 -34.65 -1.96 6.67
C VAL C 273 -35.40 -1.95 5.35
N SER C 274 -34.82 -2.61 4.35
CA SER C 274 -35.48 -2.87 3.06
C SER C 274 -35.80 -4.39 3.02
N LEU C 275 -37.02 -4.69 2.58
CA LEU C 275 -37.55 -6.06 2.53
C LEU C 275 -38.09 -6.40 1.15
N LEU C 276 -37.70 -7.57 0.63
CA LEU C 276 -38.17 -8.04 -0.68
C LEU C 276 -38.71 -9.46 -0.58
N PRO C 277 -39.76 -9.79 -1.35
CA PRO C 277 -40.38 -11.13 -1.27
C PRO C 277 -39.67 -12.18 -2.15
N HIS C 278 -38.39 -12.45 -1.85
CA HIS C 278 -37.61 -13.50 -2.53
C HIS C 278 -37.61 -13.33 -4.05
N VAL C 279 -37.22 -12.14 -4.48
CA VAL C 279 -37.28 -11.76 -5.90
C VAL C 279 -35.94 -11.75 -6.62
N ALA C 280 -34.85 -12.23 -6.01
CA ALA C 280 -33.54 -12.02 -6.65
C ALA C 280 -33.38 -12.56 -8.09
N SER C 281 -34.06 -13.64 -8.45
CA SER C 281 -34.03 -14.12 -9.84
C SER C 281 -35.29 -13.80 -10.67
N ALA C 282 -36.20 -13.02 -10.10
CA ALA C 282 -37.59 -12.94 -10.54
C ALA C 282 -37.88 -11.95 -11.70
N SER C 283 -37.10 -12.06 -12.79
CA SER C 283 -37.46 -11.44 -14.05
C SER C 283 -37.97 -12.50 -15.01
N VAL C 284 -38.73 -12.05 -16.00
CA VAL C 284 -39.27 -12.97 -17.00
C VAL C 284 -38.14 -13.70 -17.72
N VAL C 285 -37.13 -12.97 -18.17
CA VAL C 285 -36.03 -13.58 -18.94
C VAL C 285 -35.27 -14.65 -18.13
N THR C 286 -34.97 -14.34 -16.88
CA THR C 286 -34.22 -15.28 -16.04
C THR C 286 -35.06 -16.48 -15.63
N ARG C 287 -36.33 -16.27 -15.29
CA ARG C 287 -37.20 -17.38 -14.94
C ARG C 287 -37.51 -18.26 -16.14
N ASN C 288 -37.52 -17.68 -17.34
CA ASN C 288 -37.68 -18.46 -18.59
C ASN C 288 -36.44 -19.36 -18.76
N ALA C 289 -35.26 -18.81 -18.50
CA ALA C 289 -34.01 -19.58 -18.58
C ALA C 289 -33.94 -20.71 -17.54
N MET C 290 -34.39 -20.44 -16.31
CA MET C 290 -34.49 -21.44 -15.27
C MET C 290 -35.49 -22.54 -15.66
N SER C 291 -36.65 -22.14 -16.20
CA SER C 291 -37.64 -23.11 -16.69
C SER C 291 -37.04 -24.03 -17.77
N ASP C 292 -36.32 -23.43 -18.72
CA ASP C 292 -35.68 -24.18 -19.79
C ASP C 292 -34.69 -25.19 -19.24
N LEU C 293 -33.90 -24.78 -18.25
CA LEU C 293 -32.92 -25.67 -17.65
C LEU C 293 -33.53 -26.84 -16.86
N VAL C 294 -34.64 -26.62 -16.15
CA VAL C 294 -35.39 -27.72 -15.52
C VAL C 294 -35.81 -28.75 -16.59
N VAL C 295 -36.49 -28.28 -17.62
CA VAL C 295 -36.95 -29.18 -18.70
C VAL C 295 -35.79 -29.84 -19.46
N ASP C 296 -34.75 -29.06 -19.79
CA ASP C 296 -33.61 -29.61 -20.53
C ASP C 296 -32.80 -30.65 -19.73
N ASN C 297 -32.73 -30.50 -18.41
CA ASN C 297 -32.20 -31.57 -17.55
C ASN C 297 -33.01 -32.87 -17.68
N LEU C 298 -34.32 -32.77 -17.63
CA LEU C 298 -35.19 -33.95 -17.74
C LEU C 298 -35.05 -34.60 -19.12
N LYS C 299 -35.05 -33.77 -20.17
CA LYS C 299 -34.87 -34.26 -21.54
C LYS C 299 -33.51 -34.94 -21.75
N ALA C 300 -32.44 -34.33 -21.24
CA ALA C 300 -31.10 -34.92 -21.31
C ALA C 300 -31.05 -36.26 -20.57
N TRP C 301 -31.58 -36.30 -19.35
CA TRP C 301 -31.60 -37.53 -18.55
C TRP C 301 -32.28 -38.68 -19.30
N PHE C 302 -33.49 -38.45 -19.79
CA PHE C 302 -34.25 -39.52 -20.41
C PHE C 302 -33.81 -39.87 -21.83
N SER C 303 -33.08 -38.97 -22.49
CA SER C 303 -32.63 -39.22 -23.86
C SER C 303 -31.20 -39.76 -23.94
N THR C 304 -30.32 -39.28 -23.04
CA THR C 304 -28.90 -39.67 -23.03
C THR C 304 -28.39 -40.33 -21.77
N GLY C 305 -29.16 -40.28 -20.70
CA GLY C 305 -28.74 -40.79 -19.38
C GLY C 305 -27.80 -39.91 -18.60
N GLU C 306 -27.53 -38.69 -19.08
CA GLU C 306 -26.66 -37.75 -18.40
C GLU C 306 -27.43 -36.43 -18.27
N ALA C 307 -27.61 -36.00 -17.03
CA ALA C 307 -28.25 -34.71 -16.77
C ALA C 307 -27.27 -33.57 -17.10
N LEU C 308 -27.78 -32.35 -17.19
CA LEU C 308 -26.96 -31.19 -17.51
C LEU C 308 -26.31 -30.63 -16.25
N THR C 309 -27.09 -30.49 -15.19
CA THR C 309 -26.65 -29.81 -13.95
C THR C 309 -27.08 -30.63 -12.72
N PRO C 310 -26.58 -31.88 -12.62
CA PRO C 310 -26.80 -32.61 -11.39
C PRO C 310 -26.06 -31.90 -10.24
N VAL C 311 -26.61 -32.05 -9.04
CA VAL C 311 -26.01 -31.53 -7.84
C VAL C 311 -24.82 -32.38 -7.43
N ALA C 312 -23.94 -31.79 -6.65
CA ALA C 312 -22.70 -32.48 -6.21
C ALA C 312 -22.93 -33.82 -5.49
N GLU C 313 -24.01 -33.91 -4.72
CA GLU C 313 -24.37 -35.10 -3.97
C GLU C 313 -24.86 -36.28 -4.81
N THR C 314 -25.26 -36.03 -6.05
CA THR C 314 -25.83 -37.06 -6.97
C THR C 314 -25.18 -37.02 -8.35
N PRO C 315 -23.90 -37.45 -8.46
CA PRO C 315 -23.21 -37.45 -9.76
C PRO C 315 -23.56 -38.74 -10.51
N PHE C 316 -24.83 -38.89 -10.85
CA PHE C 316 -25.38 -40.17 -11.27
C PHE C 316 -25.58 -40.22 -12.77
N ARG C 317 -25.62 -41.44 -13.30
CA ARG C 317 -25.96 -41.70 -14.70
C ARG C 317 -27.13 -42.65 -14.71
N ARG C 318 -28.03 -42.48 -15.68
CA ARG C 318 -29.26 -43.26 -15.71
C ARG C 318 -28.98 -44.73 -16.00
N ARG C 319 -29.62 -45.61 -15.22
CA ARG C 319 -29.72 -47.04 -15.53
C ARG C 319 -31.20 -47.35 -15.82
N ALA C 320 -31.47 -47.86 -17.03
CA ALA C 320 -32.82 -48.27 -17.40
C ALA C 320 -32.84 -49.75 -17.71
N ARG D 4 -13.78 40.73 8.98
CA ARG D 4 -14.42 39.47 8.46
C ARG D 4 -15.31 39.79 7.26
N PRO D 5 -15.04 39.18 6.09
CA PRO D 5 -15.96 39.40 4.97
C PRO D 5 -17.37 38.91 5.27
N ARG D 6 -18.35 39.59 4.69
CA ARG D 6 -19.75 39.29 4.93
C ARG D 6 -20.33 38.44 3.82
N ILE D 7 -20.85 37.28 4.19
CA ILE D 7 -21.36 36.31 3.24
C ILE D 7 -22.88 36.20 3.42
N LEU D 8 -23.59 36.40 2.33
CA LEU D 8 -25.02 36.23 2.27
C LEU D 8 -25.38 34.77 2.05
N VAL D 9 -26.28 34.25 2.88
CA VAL D 9 -26.90 32.94 2.63
C VAL D 9 -28.40 33.16 2.46
N PRO D 10 -28.89 33.09 1.21
CA PRO D 10 -30.30 33.24 0.99
C PRO D 10 -31.05 31.90 1.06
N GLY D 11 -32.08 31.84 1.88
CA GLY D 11 -32.94 30.67 1.91
C GLY D 11 -32.32 29.48 2.58
N LYS D 12 -32.84 28.29 2.26
CA LYS D 12 -32.39 27.07 2.91
C LYS D 12 -31.02 26.63 2.41
N ILE D 13 -30.22 26.16 3.36
CA ILE D 13 -28.96 25.54 3.03
C ILE D 13 -28.63 24.53 4.11
N ASN D 14 -27.77 23.56 3.77
CA ASN D 14 -27.34 22.54 4.74
C ASN D 14 -26.78 23.23 5.98
N PRO D 15 -27.22 22.82 7.18
CA PRO D 15 -26.72 23.50 8.38
C PRO D 15 -25.20 23.52 8.55
N ARG D 16 -24.49 22.53 7.99
CA ARG D 16 -23.04 22.48 8.05
C ARG D 16 -22.38 23.73 7.44
N VAL D 17 -22.99 24.26 6.39
CA VAL D 17 -22.49 25.53 5.79
C VAL D 17 -22.57 26.64 6.84
N LEU D 18 -23.73 26.75 7.47
CA LEU D 18 -23.95 27.80 8.51
C LEU D 18 -23.03 27.65 9.70
N GLU D 19 -22.79 26.40 10.09
CA GLU D 19 -21.92 26.07 11.20
C GLU D 19 -20.46 26.48 10.97
N ARG D 20 -20.00 26.42 9.71
CA ARG D 20 -18.59 26.61 9.39
C ARG D 20 -18.23 28.00 8.85
N LEU D 21 -19.19 28.73 8.29
CA LEU D 21 -18.93 30.11 7.84
C LEU D 21 -18.26 31.02 8.89
N PRO D 22 -18.66 30.92 10.16
CA PRO D 22 -17.99 31.74 11.20
C PRO D 22 -16.49 31.50 11.44
N GLU D 23 -15.90 30.46 10.84
CA GLU D 23 -14.46 30.26 10.90
C GLU D 23 -13.68 31.46 10.35
N MET D 24 -14.28 32.16 9.40
CA MET D 24 -13.67 33.34 8.77
C MET D 24 -14.59 34.50 8.45
N PHE D 25 -15.90 34.29 8.47
CA PHE D 25 -16.90 35.20 7.90
C PHE D 25 -17.94 35.67 8.88
N GLU D 26 -18.52 36.81 8.57
CA GLU D 26 -19.76 37.23 9.20
C GLU D 26 -20.85 36.78 8.25
N THR D 27 -21.90 36.15 8.80
CA THR D 27 -23.00 35.65 8.00
C THR D 27 -24.17 36.60 7.99
N VAL D 28 -24.77 36.78 6.81
CA VAL D 28 -25.94 37.60 6.61
C VAL D 28 -27.01 36.70 6.02
N ARG D 29 -28.15 36.56 6.72
CA ARG D 29 -29.19 35.62 6.29
C ARG D 29 -30.38 36.39 5.74
N ILE D 30 -30.92 35.92 4.61
CA ILE D 30 -32.26 36.32 4.17
C ILE D 30 -33.12 35.07 3.93
N GLU D 31 -34.42 35.22 4.14
CA GLU D 31 -35.33 34.08 4.19
C GLU D 31 -35.58 33.39 2.83
N ARG D 32 -35.48 34.16 1.74
CA ARG D 32 -35.61 33.62 0.37
C ARG D 32 -34.60 34.32 -0.51
N ALA D 33 -34.33 33.73 -1.67
CA ALA D 33 -33.45 34.34 -2.68
C ALA D 33 -34.27 35.37 -3.44
N ASP D 34 -34.42 36.54 -2.82
CA ASP D 34 -35.35 37.58 -3.30
C ASP D 34 -34.75 38.95 -3.02
N ALA D 35 -34.56 39.74 -4.08
CA ALA D 35 -33.91 41.05 -3.97
C ALA D 35 -34.67 42.02 -3.07
N ALA D 36 -35.99 41.82 -2.97
CA ALA D 36 -36.84 42.61 -2.06
C ALA D 36 -36.43 42.55 -0.59
N LEU D 37 -35.78 41.46 -0.17
CA LEU D 37 -35.30 41.29 1.20
C LEU D 37 -33.95 41.93 1.51
N VAL D 38 -33.30 42.52 0.50
CA VAL D 38 -32.01 43.15 0.71
C VAL D 38 -32.22 44.55 1.28
N THR D 39 -31.60 44.80 2.44
CA THR D 39 -31.63 46.12 3.09
C THR D 39 -30.32 46.85 2.83
N ALA D 40 -30.33 48.17 3.00
CA ALA D 40 -29.16 49.02 2.78
C ALA D 40 -27.94 48.59 3.59
N ASP D 41 -28.16 48.10 4.81
CA ASP D 41 -27.07 47.58 5.65
C ASP D 41 -26.32 46.36 5.08
N MET D 42 -26.93 45.68 4.11
CA MET D 42 -26.33 44.50 3.46
C MET D 42 -25.49 44.82 2.22
N ARG D 43 -25.39 46.08 1.82
CA ARG D 43 -24.71 46.43 0.55
C ARG D 43 -23.18 46.25 0.56
N ASP D 44 -22.59 45.99 1.73
CA ASP D 44 -21.17 45.63 1.85
C ASP D 44 -20.86 44.13 1.73
N VAL D 45 -21.87 43.32 1.44
CA VAL D 45 -21.68 41.87 1.29
C VAL D 45 -20.70 41.58 0.15
N SER D 46 -19.76 40.67 0.42
CA SER D 46 -18.67 40.34 -0.53
C SER D 46 -18.80 38.95 -1.16
N GLY D 47 -19.66 38.10 -0.63
CA GLY D 47 -19.83 36.76 -1.17
C GLY D 47 -21.23 36.22 -0.92
N ILE D 48 -21.60 35.21 -1.70
CA ILE D 48 -22.87 34.49 -1.50
C ILE D 48 -22.57 33.00 -1.47
N ALA D 49 -23.16 32.29 -0.49
CA ALA D 49 -23.27 30.83 -0.53
C ALA D 49 -24.72 30.48 -0.74
N VAL D 50 -25.04 29.72 -1.78
CA VAL D 50 -26.41 29.46 -2.21
C VAL D 50 -26.66 28.02 -2.66
N SER D 51 -27.81 27.47 -2.24
CA SER D 51 -28.34 26.25 -2.77
C SER D 51 -29.64 26.56 -3.50
N GLY D 52 -29.68 26.30 -4.78
CA GLY D 52 -30.84 26.59 -5.61
C GLY D 52 -30.59 27.81 -6.48
N LYS D 53 -31.66 28.40 -6.99
CA LYS D 53 -31.57 29.50 -7.95
C LYS D 53 -31.08 30.78 -7.29
N LEU D 54 -30.27 31.53 -8.04
CA LEU D 54 -29.85 32.87 -7.65
C LEU D 54 -30.31 33.83 -8.72
N PRO D 55 -31.47 34.49 -8.50
CA PRO D 55 -31.97 35.43 -9.51
C PRO D 55 -31.00 36.59 -9.73
N VAL D 56 -30.88 37.04 -10.98
CA VAL D 56 -30.00 38.16 -11.35
C VAL D 56 -30.25 39.44 -10.54
N PRO D 57 -31.54 39.80 -10.29
CA PRO D 57 -31.77 41.01 -9.48
C PRO D 57 -31.21 40.93 -8.06
N LEU D 58 -31.20 39.72 -7.47
CA LEU D 58 -30.56 39.52 -6.17
C LEU D 58 -29.05 39.64 -6.28
N MET D 59 -28.48 38.98 -7.28
CA MET D 59 -27.03 39.04 -7.49
C MET D 59 -26.58 40.48 -7.74
N ASP D 60 -27.36 41.23 -8.52
CA ASP D 60 -27.04 42.63 -8.85
C ASP D 60 -27.40 43.67 -7.79
N ALA D 61 -28.00 43.25 -6.68
CA ALA D 61 -28.22 44.10 -5.51
C ALA D 61 -26.96 44.37 -4.68
N PHE D 62 -25.86 43.65 -4.98
CA PHE D 62 -24.63 43.71 -4.21
C PHE D 62 -23.48 44.24 -5.06
N PRO D 63 -23.19 45.56 -4.95
CA PRO D 63 -22.12 46.13 -5.76
C PRO D 63 -20.70 45.62 -5.41
N SER D 64 -20.48 45.15 -4.18
CA SER D 64 -19.17 44.62 -3.76
C SER D 64 -19.02 43.08 -3.87
N LEU D 65 -19.95 42.44 -4.56
CA LEU D 65 -19.97 40.98 -4.65
C LEU D 65 -18.75 40.52 -5.43
N GLU D 66 -18.01 39.56 -4.87
CA GLU D 66 -16.82 39.00 -5.53
C GLU D 66 -16.99 37.55 -6.00
N ILE D 67 -17.84 36.78 -5.30
CA ILE D 67 -17.90 35.34 -5.43
C ILE D 67 -19.29 34.79 -5.11
N VAL D 68 -19.77 33.90 -5.96
CA VAL D 68 -20.94 33.06 -5.67
C VAL D 68 -20.46 31.61 -5.55
N ALA D 69 -20.67 31.04 -4.36
CA ALA D 69 -20.31 29.64 -4.08
C ALA D 69 -21.60 28.83 -4.14
N ASN D 70 -21.77 28.13 -5.25
CA ASN D 70 -22.92 27.27 -5.50
C ASN D 70 -22.80 25.90 -4.80
N PHE D 71 -23.87 25.52 -4.09
CA PHE D 71 -23.99 24.19 -3.49
C PHE D 71 -24.59 23.25 -4.53
N GLY D 72 -23.76 22.37 -5.08
CA GLY D 72 -24.11 21.52 -6.22
C GLY D 72 -23.11 21.63 -7.35
N VAL D 73 -22.98 20.55 -8.12
CA VAL D 73 -22.07 20.57 -9.29
C VAL D 73 -22.74 21.27 -10.48
N GLY D 74 -24.04 21.06 -10.66
CA GLY D 74 -24.81 21.85 -11.61
C GLY D 74 -24.99 23.26 -11.08
N TYR D 75 -24.79 24.25 -11.96
CA TYR D 75 -24.89 25.65 -11.56
C TYR D 75 -25.75 26.47 -12.53
N ASP D 76 -26.72 25.79 -13.17
CA ASP D 76 -27.66 26.44 -14.07
C ASP D 76 -28.59 27.47 -13.41
N GLY D 77 -28.76 27.39 -12.10
CA GLY D 77 -29.49 28.42 -11.32
C GLY D 77 -28.76 29.74 -11.12
N VAL D 78 -27.49 29.78 -11.53
CA VAL D 78 -26.69 31.00 -11.50
C VAL D 78 -26.52 31.47 -12.95
N ASP D 79 -26.72 32.77 -13.18
CA ASP D 79 -26.52 33.37 -14.50
C ASP D 79 -25.02 33.65 -14.64
N VAL D 80 -24.29 32.64 -15.11
CA VAL D 80 -22.82 32.72 -15.13
CA VAL D 80 -22.82 32.66 -15.15
C VAL D 80 -22.32 33.73 -16.16
N SER D 81 -23.13 33.99 -17.20
CA SER D 81 -22.79 34.99 -18.20
C SER D 81 -22.79 36.39 -17.57
N ARG D 82 -23.81 36.69 -16.77
CA ARG D 82 -23.88 37.94 -16.03
C ARG D 82 -22.78 38.04 -14.97
N ALA D 83 -22.52 36.94 -14.26
CA ALA D 83 -21.44 36.90 -13.25
C ALA D 83 -20.11 37.22 -13.93
N ALA D 84 -19.85 36.53 -15.05
CA ALA D 84 -18.60 36.75 -15.81
C ALA D 84 -18.47 38.21 -16.26
N ALA D 85 -19.56 38.80 -16.78
CA ALA D 85 -19.57 40.19 -17.22
C ALA D 85 -19.27 41.19 -16.10
N ARG D 86 -19.64 40.84 -14.88
CA ARG D 86 -19.34 41.63 -13.67
C ARG D 86 -18.02 41.27 -12.99
N GLY D 87 -17.27 40.31 -13.54
CA GLY D 87 -16.02 39.83 -12.93
C GLY D 87 -16.17 39.09 -11.61
N ILE D 88 -17.34 38.47 -11.44
CA ILE D 88 -17.68 37.68 -10.24
C ILE D 88 -17.35 36.22 -10.50
N VAL D 89 -16.54 35.62 -9.63
CA VAL D 89 -16.20 34.22 -9.77
C VAL D 89 -17.36 33.38 -9.25
N VAL D 90 -17.59 32.23 -9.90
CA VAL D 90 -18.61 31.30 -9.51
C VAL D 90 -17.92 29.97 -9.26
N THR D 91 -18.24 29.35 -8.12
CA THR D 91 -17.69 28.03 -7.75
C THR D 91 -18.85 27.01 -7.61
N ASN D 92 -18.53 25.76 -7.86
CA ASN D 92 -19.50 24.68 -7.72
C ASN D 92 -18.88 23.59 -6.85
N THR D 93 -19.56 22.45 -6.76
CA THR D 93 -19.09 21.35 -5.90
C THR D 93 -18.95 20.06 -6.74
N PRO D 94 -17.97 20.04 -7.66
CA PRO D 94 -17.70 18.82 -8.39
C PRO D 94 -16.94 17.80 -7.55
N ASP D 95 -16.86 16.58 -8.04
CA ASP D 95 -15.98 15.51 -7.53
C ASP D 95 -16.41 14.84 -6.23
N VAL D 96 -16.71 15.63 -5.21
CA VAL D 96 -17.13 15.14 -3.89
C VAL D 96 -18.46 14.40 -3.88
N LEU D 97 -19.25 14.58 -4.95
CA LEU D 97 -20.54 13.89 -5.09
C LEU D 97 -20.54 12.86 -6.25
N THR D 98 -19.42 12.71 -6.94
CA THR D 98 -19.41 11.96 -8.23
C THR D 98 -19.81 10.48 -8.01
N GLU D 99 -19.17 9.84 -7.05
CA GLU D 99 -19.40 8.43 -6.77
C GLU D 99 -20.80 8.22 -6.16
N GLU D 100 -21.27 9.15 -5.32
CA GLU D 100 -22.61 9.06 -4.71
C GLU D 100 -23.70 9.12 -5.79
N VAL D 101 -23.56 10.05 -6.73
CA VAL D 101 -24.56 10.23 -7.76
C VAL D 101 -24.54 9.01 -8.69
N ALA D 102 -23.36 8.51 -9.01
CA ALA D 102 -23.22 7.32 -9.86
C ALA D 102 -23.91 6.11 -9.21
N ASP D 103 -23.77 6.00 -7.89
CA ASP D 103 -24.47 4.94 -7.09
C ASP D 103 -25.97 5.03 -7.23
N THR D 104 -26.51 6.24 -7.05
CA THR D 104 -27.92 6.48 -7.16
C THR D 104 -28.44 6.13 -8.54
N ALA D 105 -27.68 6.48 -9.57
CA ALA D 105 -28.07 6.18 -10.94
C ALA D 105 -28.25 4.69 -11.17
N ILE D 106 -27.31 3.91 -10.65
CA ILE D 106 -27.40 2.46 -10.75
C ILE D 106 -28.60 1.94 -9.96
N GLY D 107 -28.81 2.43 -8.75
CA GLY D 107 -29.99 2.03 -7.96
C GLY D 107 -31.29 2.31 -8.67
N LEU D 108 -31.39 3.51 -9.24
CA LEU D 108 -32.56 3.92 -9.99
C LEU D 108 -32.78 3.02 -11.21
N LEU D 109 -31.71 2.73 -11.93
CA LEU D 109 -31.78 1.84 -13.09
C LEU D 109 -32.31 0.47 -12.65
N LEU D 110 -31.74 -0.12 -11.61
CA LEU D 110 -32.17 -1.44 -11.13
C LEU D 110 -33.62 -1.43 -10.63
N ASN D 111 -34.03 -0.37 -9.91
CA ASN D 111 -35.40 -0.24 -9.45
C ASN D 111 -36.39 -0.11 -10.60
N THR D 112 -35.98 0.59 -11.66
CA THR D 112 -36.78 0.76 -12.88
C THR D 112 -36.98 -0.59 -13.60
N LEU D 113 -35.91 -1.34 -13.73
CA LEU D 113 -35.92 -2.60 -14.49
C LEU D 113 -36.58 -3.75 -13.73
N ARG D 114 -36.27 -3.87 -12.44
CA ARG D 114 -36.69 -5.02 -11.65
C ARG D 114 -37.86 -4.74 -10.71
N LEU D 115 -38.35 -3.50 -10.66
CA LEU D 115 -39.54 -3.13 -9.89
C LEU D 115 -39.40 -3.39 -8.38
N LEU D 116 -38.18 -3.21 -7.86
CA LEU D 116 -37.89 -3.52 -6.48
C LEU D 116 -38.73 -2.72 -5.48
N PRO D 117 -38.94 -1.41 -5.75
CA PRO D 117 -39.81 -0.68 -4.82
C PRO D 117 -41.25 -1.24 -4.76
N GLN D 118 -41.77 -1.67 -5.91
CA GLN D 118 -43.08 -2.27 -5.98
C GLN D 118 -43.14 -3.63 -5.30
N ALA D 119 -42.07 -4.41 -5.44
CA ALA D 119 -41.99 -5.71 -4.78
C ALA D 119 -41.97 -5.53 -3.24
N GLU D 120 -41.25 -4.53 -2.75
CA GLU D 120 -41.26 -4.20 -1.31
C GLU D 120 -42.65 -3.80 -0.81
N GLN D 121 -43.35 -2.99 -1.59
CA GLN D 121 -44.74 -2.65 -1.29
C GLN D 121 -45.65 -3.88 -1.22
N TRP D 122 -45.51 -4.80 -2.18
CA TRP D 122 -46.24 -6.05 -2.20
C TRP D 122 -46.07 -6.79 -0.87
N LEU D 123 -44.84 -6.98 -0.44
CA LEU D 123 -44.54 -7.59 0.87
C LEU D 123 -45.12 -6.80 2.05
N ARG D 124 -44.85 -5.51 2.10
CA ARG D 124 -45.26 -4.69 3.26
C ARG D 124 -46.78 -4.59 3.39
N GLN D 125 -47.49 -4.69 2.28
CA GLN D 125 -48.96 -4.64 2.30
C GLN D 125 -49.62 -5.97 2.63
N GLY D 126 -48.84 -7.03 2.85
CA GLY D 126 -49.37 -8.35 3.20
C GLY D 126 -49.75 -9.23 2.03
N ARG D 127 -49.42 -8.80 0.81
CA ARG D 127 -49.75 -9.53 -0.40
C ARG D 127 -48.95 -10.81 -0.63
N TRP D 128 -47.73 -10.90 -0.11
CA TRP D 128 -46.91 -12.11 -0.22
C TRP D 128 -47.62 -13.25 0.50
N VAL D 129 -48.17 -12.95 1.68
CA VAL D 129 -48.87 -13.95 2.51
C VAL D 129 -50.20 -14.32 1.84
N ARG D 130 -51.02 -13.33 1.49
CA ARG D 130 -52.35 -13.56 0.95
C ARG D 130 -52.47 -14.05 -0.52
N GLU D 131 -51.61 -13.53 -1.40
CA GLU D 131 -51.65 -13.71 -2.85
C GLU D 131 -50.47 -14.50 -3.47
N GLY D 132 -49.39 -14.68 -2.72
CA GLY D 132 -48.22 -15.39 -3.20
C GLY D 132 -47.23 -14.45 -3.84
N ALA D 133 -46.47 -14.97 -4.80
CA ALA D 133 -45.30 -14.26 -5.31
C ALA D 133 -45.68 -12.97 -6.03
N PHE D 134 -44.80 -11.98 -5.89
CA PHE D 134 -44.86 -10.77 -6.70
C PHE D 134 -44.71 -11.18 -8.17
N PRO D 135 -45.50 -10.56 -9.06
CA PRO D 135 -45.37 -10.89 -10.49
C PRO D 135 -43.94 -10.66 -11.02
N LEU D 136 -43.56 -11.46 -12.00
CA LEU D 136 -42.17 -11.36 -12.54
C LEU D 136 -42.01 -10.04 -13.26
N SER D 137 -40.85 -9.43 -13.11
CA SER D 137 -40.54 -8.16 -13.85
C SER D 137 -40.41 -8.41 -15.35
N PRO D 138 -41.14 -7.66 -16.19
CA PRO D 138 -40.97 -7.86 -17.65
C PRO D 138 -39.57 -7.55 -18.17
N LEU D 139 -38.89 -6.63 -17.49
CA LEU D 139 -37.56 -6.19 -17.89
C LEU D 139 -36.47 -6.75 -16.94
N SER D 140 -35.23 -6.56 -17.37
CA SER D 140 -34.03 -7.00 -16.70
C SER D 140 -32.85 -6.19 -17.26
N LEU D 141 -31.74 -6.13 -16.50
CA LEU D 141 -30.51 -5.55 -17.04
C LEU D 141 -29.81 -6.53 -18.00
N ARG D 142 -30.08 -7.83 -17.85
CA ARG D 142 -29.40 -8.86 -18.64
C ARG D 142 -29.63 -8.61 -20.14
N GLY D 143 -28.53 -8.57 -20.88
CA GLY D 143 -28.56 -8.41 -22.32
C GLY D 143 -28.71 -6.98 -22.84
N ARG D 144 -28.78 -5.99 -21.94
CA ARG D 144 -29.01 -4.60 -22.36
C ARG D 144 -27.76 -3.94 -22.87
N THR D 145 -27.99 -2.87 -23.62
CA THR D 145 -26.95 -2.05 -24.18
C THR D 145 -27.22 -0.63 -23.76
N VAL D 146 -26.24 -0.02 -23.10
CA VAL D 146 -26.44 1.25 -22.43
C VAL D 146 -25.76 2.36 -23.17
N GLY D 147 -26.48 3.46 -23.37
CA GLY D 147 -25.93 4.67 -23.98
C GLY D 147 -25.92 5.77 -22.95
N LEU D 148 -24.74 6.33 -22.66
CA LEU D 148 -24.62 7.47 -21.74
C LEU D 148 -24.61 8.77 -22.52
N PHE D 149 -25.64 9.58 -22.31
CA PHE D 149 -25.68 10.97 -22.79
C PHE D 149 -24.99 11.84 -21.73
N GLY D 150 -23.74 12.19 -22.02
CA GLY D 150 -22.80 12.77 -21.06
C GLY D 150 -21.83 11.69 -20.59
N LEU D 151 -20.54 11.99 -20.61
CA LEU D 151 -19.50 11.08 -20.10
C LEU D 151 -18.42 11.90 -19.41
N GLY D 152 -18.88 12.75 -18.51
CA GLY D 152 -18.02 13.61 -17.73
C GLY D 152 -17.62 12.94 -16.44
N ARG D 153 -17.48 13.72 -15.39
CA ARG D 153 -17.08 13.16 -14.10
C ARG D 153 -18.07 12.07 -13.68
N ILE D 154 -19.35 12.40 -13.74
CA ILE D 154 -20.39 11.46 -13.26
C ILE D 154 -20.69 10.40 -14.32
N GLY D 155 -20.84 10.78 -15.59
CA GLY D 155 -21.07 9.77 -16.64
C GLY D 155 -20.02 8.68 -16.71
N LEU D 156 -18.74 9.06 -16.61
CA LEU D 156 -17.68 8.06 -16.58
C LEU D 156 -17.79 7.12 -15.37
N ALA D 157 -18.11 7.67 -14.20
CA ALA D 157 -18.29 6.87 -12.98
C ALA D 157 -19.46 5.86 -13.13
N ILE D 158 -20.54 6.29 -13.79
CA ILE D 158 -21.65 5.40 -14.12
C ILE D 158 -21.19 4.29 -15.08
N ALA D 159 -20.48 4.69 -16.14
CA ALA D 159 -19.94 3.69 -17.09
C ALA D 159 -19.03 2.67 -16.41
N ARG D 160 -18.17 3.08 -15.48
CA ARG D 160 -17.27 2.15 -14.79
C ARG D 160 -18.08 1.11 -14.01
N ARG D 161 -19.14 1.56 -13.36
CA ARG D 161 -20.05 0.63 -12.67
C ARG D 161 -20.66 -0.36 -13.63
N LEU D 162 -21.23 0.16 -14.71
CA LEU D 162 -21.92 -0.68 -15.69
C LEU D 162 -21.01 -1.68 -16.40
N GLU D 163 -19.72 -1.36 -16.57
CA GLU D 163 -18.74 -2.33 -17.09
C GLU D 163 -18.74 -3.65 -16.29
N ALA D 164 -18.94 -3.56 -14.99
CA ALA D 164 -18.92 -4.72 -14.10
C ALA D 164 -20.22 -5.54 -14.11
N PHE D 165 -21.28 -5.00 -14.72
CA PHE D 165 -22.57 -5.71 -14.86
C PHE D 165 -22.72 -6.49 -16.17
N GLY D 166 -21.67 -6.53 -16.99
CA GLY D 166 -21.67 -7.26 -18.24
C GLY D 166 -22.59 -6.77 -19.33
N VAL D 167 -22.76 -5.46 -19.42
CA VAL D 167 -23.55 -4.84 -20.50
C VAL D 167 -22.64 -4.01 -21.41
N SER D 168 -23.01 -3.92 -22.69
CA SER D 168 -22.31 -3.06 -23.63
C SER D 168 -22.52 -1.58 -23.26
N ILE D 169 -21.51 -0.76 -23.48
CA ILE D 169 -21.53 0.68 -23.19
C ILE D 169 -21.16 1.57 -24.38
N ALA D 170 -22.03 2.54 -24.67
CA ALA D 170 -21.75 3.58 -25.67
C ALA D 170 -21.99 4.95 -25.06
N TYR D 171 -21.56 6.01 -25.75
CA TYR D 171 -21.74 7.34 -25.17
C TYR D 171 -21.83 8.41 -26.26
N HIS D 172 -22.48 9.51 -25.91
CA HIS D 172 -22.60 10.69 -26.76
C HIS D 172 -22.24 11.94 -25.98
N THR D 173 -21.29 12.69 -26.52
CA THR D 173 -20.82 13.97 -26.00
C THR D 173 -20.48 14.80 -27.24
N ARG D 174 -20.27 16.10 -27.08
CA ARG D 174 -19.88 16.93 -28.26
C ARG D 174 -18.49 16.61 -28.76
N THR D 175 -17.58 16.26 -27.85
CA THR D 175 -16.20 15.86 -28.17
C THR D 175 -15.93 14.47 -27.60
N PRO D 176 -15.43 13.52 -28.43
CA PRO D 176 -15.05 12.19 -27.93
C PRO D 176 -13.97 12.25 -26.85
N ARG D 177 -14.04 11.29 -25.92
CA ARG D 177 -13.00 11.04 -24.93
C ARG D 177 -12.29 9.74 -25.33
N GLU D 178 -11.24 9.88 -26.13
CA GLU D 178 -10.42 8.72 -26.53
C GLU D 178 -9.53 8.27 -25.39
N GLY D 179 -9.15 6.99 -25.44
CA GLY D 179 -8.43 6.33 -24.34
C GLY D 179 -9.31 5.33 -23.62
N LEU D 180 -10.62 5.52 -23.71
CA LEU D 180 -11.61 4.64 -23.09
C LEU D 180 -12.02 3.63 -24.16
N GLY D 181 -12.49 2.47 -23.72
CA GLY D 181 -12.93 1.42 -24.66
C GLY D 181 -14.41 1.48 -25.03
N PHE D 182 -15.04 2.65 -24.93
CA PHE D 182 -16.47 2.80 -25.17
C PHE D 182 -16.72 3.35 -26.58
N THR D 183 -17.82 2.93 -27.18
CA THR D 183 -18.23 3.39 -28.52
C THR D 183 -18.81 4.81 -28.50
N TYR D 184 -18.17 5.71 -29.22
CA TYR D 184 -18.65 7.09 -29.38
C TYR D 184 -19.68 7.18 -30.50
N HIS D 185 -20.74 7.95 -30.24
CA HIS D 185 -21.74 8.33 -31.23
C HIS D 185 -21.75 9.83 -31.37
N PRO D 186 -21.57 10.35 -32.61
CA PRO D 186 -21.57 11.80 -32.79
C PRO D 186 -22.92 12.49 -32.69
N THR D 187 -24.02 11.73 -32.71
CA THR D 187 -25.36 12.28 -32.50
C THR D 187 -26.10 11.51 -31.42
N LEU D 188 -27.00 12.20 -30.75
CA LEU D 188 -27.81 11.59 -29.69
C LEU D 188 -28.78 10.56 -30.28
N VAL D 189 -29.46 10.92 -31.36
CA VAL D 189 -30.44 10.03 -31.99
C VAL D 189 -29.78 8.76 -32.56
N GLY D 190 -28.55 8.88 -33.07
CA GLY D 190 -27.78 7.73 -33.52
C GLY D 190 -27.45 6.76 -32.41
N MET D 191 -27.05 7.30 -31.25
CA MET D 191 -26.84 6.45 -30.09
C MET D 191 -28.15 5.78 -29.66
N ALA D 192 -29.22 6.55 -29.59
CA ALA D 192 -30.52 6.02 -29.17
C ALA D 192 -30.96 4.86 -30.05
N GLU D 193 -30.78 4.98 -31.36
CA GLU D 193 -31.04 3.88 -32.30
C GLU D 193 -30.32 2.59 -31.89
N ALA D 194 -29.02 2.72 -31.61
CA ALA D 194 -28.11 1.62 -31.30
C ALA D 194 -28.28 0.95 -29.93
N VAL D 195 -28.86 1.66 -28.97
CA VAL D 195 -28.95 1.17 -27.58
C VAL D 195 -30.40 0.93 -27.18
N ASP D 196 -30.61 0.25 -26.05
CA ASP D 196 -31.97 0.12 -25.50
C ASP D 196 -32.11 0.74 -24.09
N THR D 197 -31.06 1.38 -23.60
CA THR D 197 -31.04 1.95 -22.26
C THR D 197 -30.29 3.27 -22.37
N LEU D 198 -30.98 4.39 -22.09
CA LEU D 198 -30.41 5.73 -22.23
C LEU D 198 -30.29 6.39 -20.88
N ILE D 199 -29.07 6.71 -20.44
CA ILE D 199 -28.83 7.36 -19.16
C ILE D 199 -28.40 8.80 -19.41
N VAL D 200 -29.16 9.75 -18.85
CA VAL D 200 -28.93 11.18 -19.05
C VAL D 200 -28.18 11.80 -17.89
N ILE D 201 -27.03 12.40 -18.20
CA ILE D 201 -26.14 12.94 -17.19
C ILE D 201 -25.31 14.08 -17.80
N VAL D 202 -26.03 14.99 -18.46
CA VAL D 202 -25.46 16.23 -18.99
C VAL D 202 -25.98 17.42 -18.17
N PRO D 203 -25.27 18.56 -18.24
CA PRO D 203 -25.76 19.73 -17.55
C PRO D 203 -27.00 20.28 -18.24
N GLY D 204 -27.72 21.14 -17.50
CA GLY D 204 -28.88 21.83 -18.00
C GLY D 204 -28.48 23.15 -18.67
N THR D 205 -28.26 23.09 -19.97
CA THR D 205 -27.90 24.27 -20.75
C THR D 205 -28.80 24.44 -21.96
N ALA D 206 -28.67 25.58 -22.65
CA ALA D 206 -29.41 25.78 -23.90
C ALA D 206 -29.22 24.64 -24.90
N SER D 207 -28.01 24.08 -24.98
CA SER D 207 -27.72 23.00 -25.95
C SER D 207 -28.35 21.65 -25.59
N THR D 208 -28.66 21.45 -24.31
CA THR D 208 -29.31 20.21 -23.87
C THR D 208 -30.82 20.34 -23.63
N LEU D 209 -31.36 21.55 -23.77
CA LEU D 209 -32.80 21.78 -23.57
C LEU D 209 -33.69 20.90 -24.47
N LYS D 210 -34.49 20.04 -23.83
CA LYS D 210 -35.35 19.05 -24.52
C LYS D 210 -34.65 18.23 -25.60
N ALA D 211 -33.37 17.91 -25.37
CA ALA D 211 -32.61 17.11 -26.29
C ALA D 211 -33.22 15.71 -26.38
N VAL D 212 -33.68 15.19 -25.23
CA VAL D 212 -34.39 13.91 -25.23
C VAL D 212 -35.86 14.19 -25.56
N ASN D 213 -36.14 14.12 -26.86
CA ASN D 213 -37.42 14.50 -27.45
C ASN D 213 -38.08 13.28 -28.07
N ALA D 214 -39.23 13.47 -28.69
CA ALA D 214 -39.97 12.37 -29.32
C ALA D 214 -39.14 11.55 -30.30
N ASP D 215 -38.28 12.20 -31.11
CA ASP D 215 -37.43 11.47 -32.07
C ASP D 215 -36.41 10.55 -31.36
N VAL D 216 -35.81 11.07 -30.29
CA VAL D 216 -34.84 10.30 -29.52
C VAL D 216 -35.53 9.12 -28.84
N LEU D 217 -36.73 9.35 -28.29
CA LEU D 217 -37.47 8.28 -27.62
C LEU D 217 -37.94 7.20 -28.61
N SER D 218 -38.41 7.62 -29.78
CA SER D 218 -38.77 6.67 -30.83
C SER D 218 -37.56 5.80 -31.26
N ALA D 219 -36.40 6.43 -31.37
CA ALA D 219 -35.15 5.72 -31.74
C ALA D 219 -34.70 4.72 -30.66
N LEU D 220 -34.87 5.13 -29.40
CA LEU D 220 -34.54 4.28 -28.27
C LEU D 220 -35.25 2.94 -28.41
N GLY D 221 -36.56 3.02 -28.69
CA GLY D 221 -37.34 1.87 -29.14
C GLY D 221 -38.17 1.17 -28.08
N PRO D 222 -38.90 0.12 -28.48
CA PRO D 222 -39.89 -0.52 -27.60
C PRO D 222 -39.38 -1.31 -26.39
N LYS D 223 -38.08 -1.62 -26.34
CA LYS D 223 -37.46 -2.18 -25.13
C LYS D 223 -36.79 -1.05 -24.32
N GLY D 224 -37.01 0.19 -24.75
CA GLY D 224 -36.24 1.33 -24.31
C GLY D 224 -36.52 1.68 -22.87
N VAL D 225 -35.45 1.93 -22.13
CA VAL D 225 -35.54 2.49 -20.78
C VAL D 225 -34.73 3.79 -20.68
N LEU D 226 -35.38 4.85 -20.23
CA LEU D 226 -34.78 6.17 -20.02
C LEU D 226 -34.52 6.39 -18.52
N ILE D 227 -33.28 6.73 -18.16
CA ILE D 227 -32.94 7.09 -16.79
C ILE D 227 -32.43 8.54 -16.83
N ASN D 228 -33.02 9.44 -16.04
CA ASN D 228 -32.53 10.83 -16.00
C ASN D 228 -32.10 11.16 -14.58
N VAL D 229 -30.78 11.38 -14.44
CA VAL D 229 -30.18 11.87 -13.19
C VAL D 229 -29.43 13.19 -13.40
N GLY D 230 -29.68 13.85 -14.54
CA GLY D 230 -29.00 15.11 -14.86
C GLY D 230 -29.85 16.30 -14.48
N ARG D 231 -30.55 16.85 -15.47
CA ARG D 231 -31.53 17.93 -15.27
C ARG D 231 -32.83 17.61 -15.99
N GLY D 232 -33.94 17.93 -15.33
CA GLY D 232 -35.28 17.79 -15.90
C GLY D 232 -35.49 18.51 -17.23
N SER D 233 -34.88 19.69 -17.37
CA SER D 233 -34.91 20.46 -18.62
C SER D 233 -34.48 19.69 -19.88
N THR D 234 -33.59 18.70 -19.72
CA THR D 234 -33.03 17.96 -20.84
C THR D 234 -34.02 17.00 -21.50
N VAL D 235 -35.06 16.60 -20.76
CA VAL D 235 -36.09 15.71 -21.27
C VAL D 235 -37.36 16.50 -21.56
N ASP D 236 -37.92 16.26 -22.74
CA ASP D 236 -39.23 16.80 -23.11
C ASP D 236 -40.24 15.93 -22.36
N GLU D 237 -40.71 16.46 -21.24
CA GLU D 237 -41.48 15.68 -20.27
C GLU D 237 -42.85 15.26 -20.84
N ALA D 238 -43.50 16.16 -21.58
CA ALA D 238 -44.73 15.81 -22.29
C ALA D 238 -44.53 14.70 -23.34
N ALA D 239 -43.43 14.76 -24.10
CA ALA D 239 -43.11 13.71 -25.05
C ALA D 239 -42.85 12.37 -24.38
N LEU D 240 -42.25 12.42 -23.18
CA LEU D 240 -41.97 11.20 -22.41
C LEU D 240 -43.28 10.55 -21.97
N VAL D 241 -44.21 11.35 -21.46
CA VAL D 241 -45.52 10.84 -21.05
C VAL D 241 -46.23 10.16 -22.22
N THR D 242 -46.21 10.81 -23.38
CA THR D 242 -46.80 10.24 -24.58
C THR D 242 -46.17 8.89 -24.99
N ALA D 243 -44.85 8.84 -25.00
CA ALA D 243 -44.09 7.64 -25.34
C ALA D 243 -44.41 6.48 -24.38
N LEU D 244 -44.48 6.78 -23.08
CA LEU D 244 -44.88 5.76 -22.10
C LEU D 244 -46.31 5.28 -22.27
N GLN D 245 -47.24 6.23 -22.52
CA GLN D 245 -48.65 5.92 -22.70
C GLN D 245 -48.88 4.97 -23.90
N ASN D 246 -48.19 5.26 -25.01
CA ASN D 246 -48.31 4.50 -26.26
C ASN D 246 -47.48 3.21 -26.35
N GLY D 247 -46.63 2.95 -25.36
CA GLY D 247 -45.70 1.82 -25.43
C GLY D 247 -44.55 2.01 -26.40
N THR D 248 -44.27 3.25 -26.76
CA THR D 248 -43.10 3.62 -27.59
C THR D 248 -41.81 3.19 -26.92
N ILE D 249 -41.73 3.39 -25.60
CA ILE D 249 -40.63 2.91 -24.76
C ILE D 249 -41.20 2.03 -23.64
N ALA D 250 -40.33 1.26 -23.00
CA ALA D 250 -40.73 0.25 -22.02
C ALA D 250 -40.72 0.72 -20.55
N GLY D 251 -40.01 1.81 -20.24
CA GLY D 251 -39.92 2.23 -18.84
C GLY D 251 -39.07 3.45 -18.67
N ALA D 252 -39.13 4.04 -17.47
CA ALA D 252 -38.30 5.19 -17.17
C ALA D 252 -38.07 5.31 -15.69
N GLY D 253 -36.91 5.84 -15.34
CA GLY D 253 -36.54 6.17 -13.95
C GLY D 253 -36.04 7.60 -13.91
N LEU D 254 -36.66 8.44 -13.09
CA LEU D 254 -36.37 9.87 -13.08
C LEU D 254 -36.09 10.38 -11.68
N ASP D 255 -34.95 11.07 -11.53
CA ASP D 255 -34.58 11.76 -10.29
C ASP D 255 -34.85 13.28 -10.36
N VAL D 256 -35.07 13.78 -11.57
CA VAL D 256 -35.18 15.21 -11.85
C VAL D 256 -36.30 15.47 -12.84
N PHE D 257 -36.83 16.69 -12.81
CA PHE D 257 -38.08 17.04 -13.48
C PHE D 257 -38.03 18.49 -13.93
N GLU D 258 -38.91 18.81 -14.89
CA GLU D 258 -39.01 20.16 -15.46
C GLU D 258 -39.33 21.24 -14.44
N ASN D 259 -40.24 20.95 -13.50
CA ASN D 259 -40.73 21.97 -12.55
C ASN D 259 -40.87 21.41 -11.14
N GLU D 260 -39.73 21.00 -10.59
CA GLU D 260 -39.67 20.41 -9.23
C GLU D 260 -40.21 21.41 -8.21
N PRO D 261 -40.96 20.97 -7.19
CA PRO D 261 -41.26 19.59 -6.87
C PRO D 261 -42.51 18.98 -7.55
N ASN D 262 -43.02 19.62 -8.59
CA ASN D 262 -44.25 19.20 -9.25
C ASN D 262 -43.91 18.11 -10.27
N VAL D 263 -44.60 16.98 -10.16
CA VAL D 263 -44.47 15.88 -11.09
C VAL D 263 -45.84 15.68 -11.74
N PRO D 264 -45.91 15.60 -13.08
CA PRO D 264 -47.20 15.42 -13.74
C PRO D 264 -47.93 14.17 -13.27
N GLU D 265 -49.23 14.30 -13.03
CA GLU D 265 -50.07 13.21 -12.52
C GLU D 265 -49.97 11.95 -13.38
N ALA D 266 -49.90 12.14 -14.69
CA ALA D 266 -49.77 11.01 -15.64
C ALA D 266 -48.53 10.18 -15.36
N LEU D 267 -47.41 10.83 -15.05
CA LEU D 267 -46.18 10.08 -14.73
C LEU D 267 -46.33 9.20 -13.49
N LEU D 268 -47.15 9.63 -12.54
CA LEU D 268 -47.41 8.85 -11.34
C LEU D 268 -48.24 7.56 -11.58
N SER D 269 -48.97 7.48 -12.70
CA SER D 269 -49.87 6.36 -12.97
C SER D 269 -49.23 5.11 -13.57
N PHE D 270 -48.04 5.26 -14.15
CA PHE D 270 -47.41 4.17 -14.90
C PHE D 270 -46.72 3.17 -13.99
N PRO D 271 -47.06 1.87 -14.11
CA PRO D 271 -46.39 0.88 -13.25
C PRO D 271 -44.96 0.53 -13.70
N ASN D 272 -44.49 1.07 -14.82
CA ASN D 272 -43.15 0.83 -15.36
C ASN D 272 -42.19 2.04 -15.18
N VAL D 273 -42.52 2.91 -14.23
CA VAL D 273 -41.77 4.15 -13.96
C VAL D 273 -41.41 4.21 -12.49
N SER D 274 -40.13 4.51 -12.21
CA SER D 274 -39.64 4.80 -10.89
C SER D 274 -39.32 6.30 -10.80
N LEU D 275 -39.76 6.92 -9.71
CA LEU D 275 -39.63 8.36 -9.49
C LEU D 275 -38.96 8.67 -8.16
N LEU D 276 -37.98 9.58 -8.18
CA LEU D 276 -37.29 10.01 -6.94
C LEU D 276 -37.25 11.53 -6.84
N PRO D 277 -37.36 12.06 -5.62
CA PRO D 277 -37.37 13.52 -5.41
C PRO D 277 -35.96 14.17 -5.39
N HIS D 278 -35.22 14.04 -6.51
CA HIS D 278 -33.91 14.69 -6.67
C HIS D 278 -32.95 14.35 -5.53
N VAL D 279 -32.76 13.04 -5.34
CA VAL D 279 -31.98 12.52 -4.20
C VAL D 279 -30.61 12.00 -4.58
N ALA D 280 -30.13 12.18 -5.83
CA ALA D 280 -28.89 11.51 -6.22
C ALA D 280 -27.66 11.77 -5.35
N SER D 281 -27.52 12.95 -4.77
CA SER D 281 -26.40 13.23 -3.83
C SER D 281 -26.78 13.23 -2.36
N ALA D 282 -28.03 12.87 -2.06
CA ALA D 282 -28.69 13.19 -0.77
C ALA D 282 -28.42 12.21 0.37
N SER D 283 -27.14 11.91 0.64
CA SER D 283 -26.74 11.26 1.87
C SER D 283 -26.08 12.25 2.80
N VAL D 284 -26.04 11.92 4.07
CA VAL D 284 -25.41 12.82 5.06
C VAL D 284 -23.95 13.04 4.69
N VAL D 285 -23.21 11.96 4.41
CA VAL D 285 -21.76 12.09 4.15
C VAL D 285 -21.46 12.96 2.92
N THR D 286 -22.21 12.75 1.85
CA THR D 286 -21.98 13.52 0.60
C THR D 286 -22.42 14.97 0.74
N ARG D 287 -23.55 15.22 1.39
CA ARG D 287 -23.99 16.61 1.60
C ARG D 287 -23.07 17.36 2.55
N ASN D 288 -22.48 16.63 3.51
CA ASN D 288 -21.47 17.21 4.41
C ASN D 288 -20.24 17.63 3.58
N ALA D 289 -19.83 16.78 2.65
CA ALA D 289 -18.70 17.07 1.76
C ALA D 289 -18.96 18.25 0.83
N MET D 290 -20.18 18.32 0.28
CA MET D 290 -20.60 19.45 -0.54
C MET D 290 -20.61 20.75 0.30
N SER D 291 -21.13 20.70 1.52
CA SER D 291 -21.09 21.84 2.44
C SER D 291 -19.67 22.33 2.69
N ASP D 292 -18.77 21.39 2.96
CA ASP D 292 -17.36 21.71 3.21
C ASP D 292 -16.74 22.40 2.00
N LEU D 293 -17.03 21.90 0.81
CA LEU D 293 -16.50 22.49 -0.40
C LEU D 293 -17.02 23.90 -0.71
N VAL D 294 -18.31 24.17 -0.44
CA VAL D 294 -18.83 25.56 -0.50
C VAL D 294 -18.02 26.49 0.42
N VAL D 295 -17.92 26.13 1.69
CA VAL D 295 -17.17 26.95 2.65
C VAL D 295 -15.70 27.06 2.32
N ASP D 296 -15.07 25.95 1.94
CA ASP D 296 -13.63 25.96 1.63
C ASP D 296 -13.28 26.77 0.37
N ASN D 297 -14.19 26.80 -0.62
CA ASN D 297 -14.06 27.75 -1.75
C ASN D 297 -14.02 29.20 -1.26
N LEU D 298 -14.96 29.57 -0.39
CA LEU D 298 -15.01 30.94 0.12
C LEU D 298 -13.76 31.27 0.93
N LYS D 299 -13.35 30.35 1.80
CA LYS D 299 -12.13 30.54 2.61
C LYS D 299 -10.87 30.67 1.75
N ALA D 300 -10.75 29.81 0.74
CA ALA D 300 -9.61 29.89 -0.19
C ALA D 300 -9.59 31.23 -0.94
N TRP D 301 -10.75 31.64 -1.46
CA TRP D 301 -10.86 32.90 -2.18
C TRP D 301 -10.39 34.10 -1.33
N PHE D 302 -10.93 34.20 -0.13
CA PHE D 302 -10.63 35.37 0.72
C PHE D 302 -9.28 35.32 1.40
N SER D 303 -8.68 34.14 1.50
CA SER D 303 -7.36 33.99 2.15
C SER D 303 -6.20 34.00 1.16
N THR D 304 -6.39 33.41 -0.03
CA THR D 304 -5.34 33.29 -1.05
C THR D 304 -5.64 33.94 -2.41
N GLY D 305 -6.88 34.32 -2.66
CA GLY D 305 -7.32 34.85 -3.96
C GLY D 305 -7.53 33.83 -5.06
N GLU D 306 -7.47 32.54 -4.72
CA GLU D 306 -7.69 31.46 -5.69
C GLU D 306 -8.74 30.52 -5.09
N ALA D 307 -9.84 30.36 -5.80
CA ALA D 307 -10.88 29.43 -5.38
C ALA D 307 -10.42 28.00 -5.66
N LEU D 308 -11.14 27.02 -5.09
CA LEU D 308 -10.79 25.62 -5.25
C LEU D 308 -11.40 25.07 -6.53
N THR D 309 -12.67 25.36 -6.75
CA THR D 309 -13.44 24.77 -7.86
C THR D 309 -14.26 25.83 -8.60
N PRO D 310 -13.57 26.84 -9.18
CA PRO D 310 -14.29 27.75 -10.03
C PRO D 310 -14.82 27.02 -11.26
N VAL D 311 -15.93 27.53 -11.79
CA VAL D 311 -16.54 27.01 -12.99
C VAL D 311 -15.74 27.46 -14.21
N ALA D 312 -15.91 26.72 -15.30
CA ALA D 312 -15.15 27.00 -16.54
C ALA D 312 -15.30 28.44 -17.08
N GLU D 313 -16.50 29.00 -16.92
CA GLU D 313 -16.81 30.34 -17.40
C GLU D 313 -16.17 31.48 -16.60
N THR D 314 -15.68 31.21 -15.41
CA THR D 314 -15.08 32.22 -14.51
C THR D 314 -13.74 31.76 -13.93
N PRO D 315 -12.67 31.72 -14.76
CA PRO D 315 -11.35 31.31 -14.30
C PRO D 315 -10.63 32.50 -13.67
N PHE D 316 -11.19 33.02 -12.57
CA PHE D 316 -10.82 34.34 -12.08
C PHE D 316 -9.93 34.23 -10.85
N ARG D 317 -9.17 35.29 -10.59
CA ARG D 317 -8.37 35.44 -9.38
C ARG D 317 -8.79 36.73 -8.71
N ARG D 318 -8.77 36.73 -7.38
CA ARG D 318 -9.29 37.87 -6.64
C ARG D 318 -8.43 39.12 -6.81
N ARG D 319 -9.10 40.25 -7.06
CA ARG D 319 -8.47 41.58 -6.96
C ARG D 319 -9.09 42.34 -5.79
N ALA D 320 -8.27 42.72 -4.82
CA ALA D 320 -8.73 43.47 -3.65
C ALA D 320 -8.03 44.81 -3.58
#